data_1XE0
#
_entry.id   1XE0
#
_cell.length_a   59.0
_cell.length_b   59.0
_cell.length_c   87.2
_cell.angle_alpha   77.0
_cell.angle_beta   88.3
_cell.angle_gamma   60.9
#
_symmetry.space_group_name_H-M   'P 1'
#
loop_
_entity.id
_entity.type
_entity.pdbx_description
1 polymer Nucleophosmin
2 water water
#
_entity_poly.entity_id   1
_entity_poly.type   'polypeptide(L)'
_entity_poly.pdbx_seq_one_letter_code
;VPRGSQNFLFGCELKADKKEYSFKVEDDENEHQLSLRTVSLGASAKDELHVVEAEGINYEGKTIKIALASLKPSVQPTVS
LGGFEITPPVILRLKSGSGPVYVSGQHLVALEDL
;
_entity_poly.pdbx_strand_id   A,B,C,D,E,F,G,H,I,J
#
# COMPACT_ATOMS: atom_id res chain seq x y z
N ARG A 3 10.13 -17.38 31.88
CA ARG A 3 10.21 -18.55 32.82
C ARG A 3 11.35 -18.51 33.83
N GLY A 4 10.99 -18.68 35.14
CA GLY A 4 11.84 -19.09 36.24
C GLY A 4 11.89 -18.20 37.49
N SER A 5 12.68 -17.10 37.34
CA SER A 5 12.80 -15.83 38.07
C SER A 5 11.56 -14.85 37.96
N GLN A 6 11.62 -13.57 38.34
CA GLN A 6 10.37 -12.79 38.43
C GLN A 6 10.23 -11.90 37.20
N ASN A 7 9.02 -11.56 36.80
CA ASN A 7 8.83 -10.71 35.58
C ASN A 7 7.86 -9.62 35.85
N PHE A 8 8.28 -8.41 35.56
CA PHE A 8 7.46 -7.24 35.77
C PHE A 8 7.30 -6.57 34.45
N LEU A 9 6.28 -5.76 34.31
CA LEU A 9 6.09 -5.02 33.06
C LEU A 9 7.07 -3.89 32.91
N PHE A 10 7.51 -3.62 31.67
CA PHE A 10 8.33 -2.48 31.38
C PHE A 10 7.76 -1.73 30.16
N GLY A 11 7.76 -0.41 30.20
CA GLY A 11 7.46 0.39 29.00
C GLY A 11 8.03 1.78 29.00
N CYS A 12 8.24 2.35 27.82
CA CYS A 12 8.53 3.76 27.72
C CYS A 12 7.96 4.33 26.44
N GLU A 13 7.83 5.66 26.46
CA GLU A 13 7.41 6.40 25.30
C GLU A 13 8.57 7.36 24.85
N LEU A 14 8.88 7.33 23.60
CA LEU A 14 9.91 8.18 22.94
C LEU A 14 9.18 9.07 21.90
N LYS A 15 9.55 10.36 21.82
CA LYS A 15 8.92 11.30 20.89
C LYS A 15 9.95 12.38 20.62
N ALA A 16 9.59 13.21 19.65
CA ALA A 16 10.55 14.22 19.12
C ALA A 16 11.11 15.07 20.27
N ASP A 17 10.23 15.39 21.23
CA ASP A 17 10.61 16.25 22.35
C ASP A 17 11.05 15.51 23.58
N LYS A 18 11.27 14.18 23.43
CA LYS A 18 11.69 13.33 24.54
C LYS A 18 12.32 12.06 23.93
N LYS A 19 13.52 12.19 23.40
CA LYS A 19 13.99 11.14 22.48
C LYS A 19 14.57 9.94 23.14
N GLU A 20 14.98 10.07 24.40
CA GLU A 20 15.66 8.98 25.14
C GLU A 20 14.96 8.51 26.42
N TYR A 21 15.14 7.23 26.69
CA TYR A 21 14.83 6.60 27.95
C TYR A 21 16.04 5.81 28.42
N SER A 22 16.45 6.12 29.65
CA SER A 22 17.59 5.45 30.25
C SER A 22 17.14 4.39 31.29
N PHE A 23 17.50 3.15 31.04
CA PHE A 23 17.16 1.99 31.89
C PHE A 23 18.40 1.62 32.64
N LYS A 24 18.29 1.73 33.98
CA LYS A 24 19.37 1.48 34.92
C LYS A 24 18.79 0.77 36.14
N VAL A 25 19.58 -0.10 36.71
CA VAL A 25 19.16 -0.79 37.92
C VAL A 25 20.15 -0.51 39.04
N GLU A 26 19.62 -0.22 40.22
CA GLU A 26 20.39 0.06 41.46
C GLU A 26 21.04 -1.20 41.87
N ASP A 27 22.19 -1.09 42.56
CA ASP A 27 22.76 -2.28 43.23
C ASP A 27 21.69 -2.69 44.24
N ASP A 28 20.91 -3.68 43.82
CA ASP A 28 20.01 -4.41 44.68
C ASP A 28 20.57 -5.82 44.57
N GLU A 29 19.94 -6.83 45.14
CA GLU A 29 20.48 -8.12 44.79
C GLU A 29 19.69 -8.73 43.63
N ASN A 30 20.47 -9.17 42.64
CA ASN A 30 20.01 -10.09 41.64
C ASN A 30 20.56 -9.72 40.29
N GLU A 31 20.51 -10.67 39.36
CA GLU A 31 20.79 -10.41 37.95
C GLU A 31 19.51 -9.80 37.33
N HIS A 32 19.68 -8.77 36.52
CA HIS A 32 18.52 -8.09 35.98
C HIS A 32 18.61 -8.11 34.46
N GLN A 33 17.51 -8.40 33.77
CA GLN A 33 17.47 -8.36 32.31
C GLN A 33 16.29 -7.56 31.86
N LEU A 34 16.46 -6.81 30.80
CA LEU A 34 15.35 -6.12 30.19
C LEU A 34 15.05 -6.86 28.89
N SER A 35 13.89 -7.51 28.80
CA SER A 35 13.52 -8.29 27.65
C SER A 35 12.53 -7.52 26.77
N LEU A 36 12.96 -7.02 25.63
CA LEU A 36 12.12 -6.16 24.82
C LEU A 36 11.13 -6.94 24.00
N ARG A 37 9.85 -6.54 24.03
CA ARG A 37 8.82 -7.34 23.38
C ARG A 37 8.25 -6.69 22.10
N THR A 38 7.85 -5.45 22.20
CA THR A 38 7.31 -4.74 21.08
C THR A 38 7.78 -3.30 21.00
N VAL A 39 7.72 -2.78 19.76
CA VAL A 39 7.90 -1.38 19.45
C VAL A 39 6.68 -1.02 18.63
N SER A 40 5.93 0.04 18.98
CA SER A 40 4.71 0.39 18.23
C SER A 40 4.60 1.92 18.13
N LEU A 41 3.95 2.34 17.09
CA LEU A 41 3.68 3.72 16.82
C LEU A 41 2.35 4.15 17.42
N GLY A 42 2.37 5.31 18.07
CA GLY A 42 1.18 5.91 18.57
C GLY A 42 0.32 6.49 17.51
N ALA A 43 -0.96 6.68 17.87
CA ALA A 43 -2.03 7.07 16.94
C ALA A 43 -1.68 8.38 16.24
N SER A 44 -0.96 9.22 16.93
CA SER A 44 -0.68 10.57 16.41
C SER A 44 0.56 10.66 15.50
N ALA A 45 1.39 9.62 15.51
CA ALA A 45 2.63 9.62 14.74
C ALA A 45 2.50 9.98 13.33
N LYS A 46 3.40 10.85 12.86
CA LYS A 46 3.48 11.21 11.46
C LYS A 46 3.88 10.07 10.55
N ASP A 47 3.40 10.12 9.31
CA ASP A 47 3.70 9.08 8.34
C ASP A 47 5.09 9.14 7.69
N GLU A 48 6.09 8.74 8.46
CA GLU A 48 7.48 8.78 8.07
C GLU A 48 8.15 7.60 8.75
N LEU A 49 9.36 7.24 8.33
CA LEU A 49 10.07 6.19 9.05
C LEU A 49 10.48 6.70 10.46
N HIS A 50 10.28 5.84 11.43
CA HIS A 50 10.71 6.04 12.78
C HIS A 50 11.71 4.96 13.09
N VAL A 51 12.84 5.31 13.66
CA VAL A 51 13.89 4.37 14.00
C VAL A 51 14.23 4.44 15.47
N VAL A 52 14.24 3.28 16.15
CA VAL A 52 14.53 3.14 17.56
C VAL A 52 15.81 2.33 17.66
N GLU A 53 16.74 2.83 18.47
CA GLU A 53 18.06 2.25 18.68
C GLU A 53 18.30 2.03 20.15
N ALA A 54 19.15 1.08 20.42
CA ALA A 54 19.52 0.81 21.78
C ALA A 54 21.02 1.10 21.93
N GLU A 55 21.41 1.63 23.08
CA GLU A 55 22.82 1.97 23.36
C GLU A 55 23.24 1.32 24.63
N GLY A 56 24.25 0.45 24.53
CA GLY A 56 24.75 -0.33 25.64
C GLY A 56 26.10 -1.03 25.33
N ILE A 57 26.49 -1.94 26.20
CA ILE A 57 27.83 -2.55 26.26
C ILE A 57 27.96 -3.71 25.28
N ASN A 58 29.00 -3.74 24.43
CA ASN A 58 29.36 -4.94 23.71
C ASN A 58 30.20 -5.81 24.63
N TYR A 59 30.68 -6.95 24.13
CA TYR A 59 31.34 -7.91 24.98
C TYR A 59 32.78 -7.50 25.34
N GLU A 60 33.23 -6.44 24.69
CA GLU A 60 34.54 -5.82 24.97
C GLU A 60 34.37 -4.68 26.02
N GLY A 61 33.16 -4.47 26.50
CA GLY A 61 32.89 -3.44 27.47
C GLY A 61 32.73 -2.06 26.94
N LYS A 62 32.59 -1.94 25.63
CA LYS A 62 32.52 -0.67 24.92
C LYS A 62 31.13 -0.38 24.51
N THR A 63 30.77 0.90 24.66
CA THR A 63 29.40 1.39 24.32
C THR A 63 29.24 1.33 22.81
N ILE A 64 28.19 0.65 22.37
CA ILE A 64 27.75 0.69 20.95
C ILE A 64 26.26 1.06 20.83
N LYS A 65 25.88 1.47 19.65
CA LYS A 65 24.51 1.81 19.31
C LYS A 65 24.04 0.90 18.21
N ILE A 66 22.91 0.22 18.43
CA ILE A 66 22.35 -0.74 17.46
C ILE A 66 20.91 -0.35 17.13
N ALA A 67 20.49 -0.55 15.89
CA ALA A 67 19.12 -0.20 15.55
C ALA A 67 18.25 -1.41 15.89
N LEU A 68 17.11 -1.23 16.61
CA LEU A 68 16.17 -2.28 16.97
C LEU A 68 15.07 -2.41 15.97
N ALA A 69 14.51 -1.30 15.49
CA ALA A 69 13.39 -1.36 14.58
C ALA A 69 13.20 -0.07 13.82
N SER A 70 12.79 -0.25 12.56
CA SER A 70 12.23 0.79 11.68
C SER A 70 10.74 0.61 11.39
N LEU A 71 9.91 1.59 11.78
CA LEU A 71 8.49 1.45 11.66
C LEU A 71 7.89 2.67 10.95
N LYS A 72 6.75 2.48 10.35
CA LYS A 72 6.00 3.61 9.62
C LYS A 72 4.54 3.32 9.68
N PRO A 73 3.71 4.30 10.02
CA PRO A 73 2.31 4.01 10.29
C PRO A 73 1.58 3.39 9.18
N SER A 74 1.88 3.76 7.97
CA SER A 74 1.07 3.31 6.87
C SER A 74 1.66 2.04 6.24
N VAL A 75 2.74 1.51 6.85
CA VAL A 75 3.46 0.31 6.33
C VAL A 75 3.56 -0.83 7.37
N GLN A 76 4.00 -0.45 8.56
CA GLN A 76 4.42 -1.45 9.59
C GLN A 76 4.48 -0.64 10.92
N PRO A 77 3.34 -0.44 11.54
CA PRO A 77 3.25 0.32 12.77
C PRO A 77 3.74 -0.43 14.03
N THR A 78 3.92 -1.77 13.97
CA THR A 78 4.33 -2.50 15.20
C THR A 78 5.37 -3.50 14.77
N VAL A 79 6.41 -3.70 15.55
CA VAL A 79 7.28 -4.83 15.38
C VAL A 79 7.41 -5.59 16.70
N SER A 80 7.11 -6.89 16.70
CA SER A 80 7.41 -7.70 17.87
C SER A 80 8.88 -8.17 17.80
N LEU A 81 9.64 -7.85 18.84
CA LEU A 81 11.02 -8.27 19.00
C LEU A 81 11.19 -9.69 19.63
N GLY A 82 10.08 -10.26 20.16
CA GLY A 82 10.08 -11.62 20.65
C GLY A 82 10.95 -11.88 21.85
N GLY A 83 11.28 -10.88 22.64
CA GLY A 83 12.11 -11.13 23.79
C GLY A 83 13.60 -10.93 23.56
N PHE A 84 13.99 -9.72 23.16
CA PHE A 84 15.40 -9.33 22.95
C PHE A 84 15.86 -8.88 24.35
N GLU A 85 16.61 -9.74 25.00
CA GLU A 85 17.14 -9.54 26.29
C GLU A 85 18.38 -8.65 26.22
N ILE A 86 18.46 -7.71 27.16
CA ILE A 86 19.54 -6.73 27.19
C ILE A 86 19.92 -6.55 28.65
N THR A 87 21.18 -6.62 28.93
CA THR A 87 21.66 -6.40 30.31
C THR A 87 21.78 -4.87 30.56
N PRO A 88 21.20 -4.36 31.66
CA PRO A 88 21.36 -2.96 32.00
C PRO A 88 22.80 -2.58 32.26
N PRO A 89 23.14 -1.33 32.13
CA PRO A 89 22.23 -0.27 31.69
C PRO A 89 22.12 -0.22 30.17
N VAL A 90 21.02 0.30 29.73
CA VAL A 90 20.83 0.55 28.33
C VAL A 90 19.96 1.78 28.10
N ILE A 91 20.28 2.53 27.07
CA ILE A 91 19.43 3.68 26.65
C ILE A 91 18.65 3.32 25.37
N LEU A 92 17.34 3.61 25.37
CA LEU A 92 16.56 3.46 24.19
C LEU A 92 16.33 4.83 23.58
N ARG A 93 16.51 4.96 22.27
CA ARG A 93 16.50 6.29 21.62
C ARG A 93 15.75 6.30 20.31
N LEU A 94 14.93 7.33 20.12
CA LEU A 94 14.30 7.61 18.86
C LEU A 94 15.35 8.33 17.99
N LYS A 95 16.04 7.58 17.15
CA LYS A 95 17.12 8.06 16.27
C LYS A 95 16.59 8.87 15.10
N SER A 96 15.41 8.51 14.57
CA SER A 96 14.72 9.32 13.58
C SER A 96 13.24 9.19 13.61
N GLY A 97 12.55 10.19 13.09
CA GLY A 97 11.13 10.30 13.25
C GLY A 97 10.61 11.09 14.49
N SER A 98 9.34 11.40 14.45
CA SER A 98 8.57 12.29 15.35
C SER A 98 8.01 11.57 16.54
N GLY A 99 7.74 10.28 16.39
CA GLY A 99 7.00 9.59 17.45
C GLY A 99 5.60 10.14 17.54
N PRO A 100 4.86 9.77 18.60
CA PRO A 100 5.38 8.90 19.68
C PRO A 100 5.62 7.45 19.27
N VAL A 101 6.66 6.88 19.85
CA VAL A 101 6.95 5.46 19.78
C VAL A 101 6.89 4.86 21.18
N TYR A 102 6.39 3.63 21.27
CA TYR A 102 6.36 2.96 22.52
C TYR A 102 7.20 1.71 22.46
N VAL A 103 7.88 1.44 23.54
CA VAL A 103 8.54 0.20 23.70
C VAL A 103 7.94 -0.51 24.90
N SER A 104 7.68 -1.81 24.72
CA SER A 104 7.14 -2.68 25.76
C SER A 104 8.02 -3.85 26.02
N GLY A 105 8.01 -4.33 27.26
CA GLY A 105 8.71 -5.54 27.55
C GLY A 105 8.59 -5.94 28.98
N GLN A 106 9.57 -6.71 29.43
CA GLN A 106 9.58 -7.35 30.72
C GLN A 106 10.85 -6.95 31.40
N HIS A 107 10.77 -6.67 32.67
CA HIS A 107 11.94 -6.51 33.47
C HIS A 107 12.03 -7.82 34.23
N LEU A 108 13.08 -8.58 34.00
CA LEU A 108 13.27 -9.89 34.60
C LEU A 108 14.28 -9.81 35.77
N VAL A 109 13.98 -10.44 36.89
CA VAL A 109 14.79 -10.34 38.11
C VAL A 109 15.12 -11.76 38.59
N ALA A 110 16.39 -12.18 38.69
CA ALA A 110 16.70 -13.49 39.32
C ALA A 110 17.73 -13.32 40.43
N SER B 5 3.97 -28.17 33.86
CA SER B 5 3.15 -27.00 34.21
C SER B 5 1.79 -27.10 33.44
N GLN B 6 0.80 -26.25 33.74
CA GLN B 6 -0.36 -26.26 32.94
C GLN B 6 -0.39 -25.11 31.95
N ASN B 7 -0.99 -25.43 30.81
CA ASN B 7 -1.25 -24.47 29.73
C ASN B 7 -2.71 -24.52 29.25
N PHE B 8 -3.48 -23.47 29.52
CA PHE B 8 -4.83 -23.29 29.07
C PHE B 8 -4.94 -22.21 28.00
N LEU B 9 -5.79 -22.42 27.02
CA LEU B 9 -6.22 -21.31 26.13
C LEU B 9 -6.80 -20.07 26.81
N PHE B 10 -6.39 -18.89 26.33
CA PHE B 10 -6.92 -17.65 26.76
C PHE B 10 -7.35 -16.80 25.55
N GLY B 11 -8.44 -16.08 25.67
CA GLY B 11 -8.76 -15.04 24.71
C GLY B 11 -9.66 -13.98 25.29
N CYS B 12 -9.62 -12.81 24.72
CA CYS B 12 -10.59 -11.75 25.03
C CYS B 12 -10.84 -10.89 23.82
N GLU B 13 -11.97 -10.19 23.87
CA GLU B 13 -12.36 -9.26 22.82
C GLU B 13 -12.55 -7.91 23.44
N LEU B 14 -11.98 -6.90 22.84
CA LEU B 14 -12.06 -5.52 23.31
C LEU B 14 -12.72 -4.67 22.20
N LYS B 15 -13.64 -3.81 22.57
CA LYS B 15 -14.27 -2.96 21.57
C LYS B 15 -14.81 -1.73 22.20
N ALA B 16 -15.31 -0.80 21.41
CA ALA B 16 -15.79 0.43 22.00
C ALA B 16 -16.87 0.26 23.17
N ASP B 17 -17.71 -0.75 23.01
CA ASP B 17 -18.65 -1.30 23.99
C ASP B 17 -18.08 -1.85 25.34
N LYS B 18 -16.87 -2.43 25.25
CA LYS B 18 -16.22 -3.09 26.36
C LYS B 18 -14.70 -2.99 26.06
N LYS B 19 -14.09 -1.87 26.46
CA LYS B 19 -12.70 -1.51 26.10
C LYS B 19 -11.67 -2.23 26.94
N GLU B 20 -12.11 -2.82 28.06
CA GLU B 20 -11.25 -3.50 29.01
C GLU B 20 -11.50 -4.94 29.30
N TYR B 21 -10.39 -5.66 29.47
CA TYR B 21 -10.43 -7.02 29.96
C TYR B 21 -9.48 -7.09 31.17
N SER B 22 -10.02 -7.52 32.30
CA SER B 22 -9.31 -7.67 33.56
C SER B 22 -8.90 -9.12 33.88
N PHE B 23 -7.60 -9.36 33.93
CA PHE B 23 -7.01 -10.69 34.18
C PHE B 23 -6.57 -10.71 35.60
N LYS B 24 -7.34 -11.42 36.45
CA LYS B 24 -6.91 -11.69 37.85
C LYS B 24 -6.98 -13.15 38.15
N VAL B 25 -6.18 -13.52 39.10
CA VAL B 25 -6.19 -14.87 39.60
C VAL B 25 -6.46 -14.86 41.09
N GLU B 26 -7.35 -15.79 41.48
CA GLU B 26 -7.74 -16.02 42.85
C GLU B 26 -6.56 -16.68 43.58
N ASP B 27 -6.12 -15.98 44.61
CA ASP B 27 -4.86 -16.22 45.28
C ASP B 27 -4.71 -17.72 45.55
N ASP B 28 -3.65 -18.34 45.07
CA ASP B 28 -3.56 -19.75 45.43
C ASP B 28 -2.30 -20.33 45.88
N GLU B 29 -1.15 -19.74 45.72
CA GLU B 29 -0.04 -20.63 46.10
C GLU B 29 0.74 -20.97 44.88
N ASN B 30 0.14 -20.89 43.71
CA ASN B 30 0.88 -21.17 42.47
C ASN B 30 1.22 -19.92 41.64
N GLU B 31 2.06 -20.10 40.64
CA GLU B 31 2.52 -19.03 39.74
C GLU B 31 1.60 -19.10 38.52
N HIS B 32 1.02 -17.95 38.20
CA HIS B 32 0.20 -17.82 37.01
C HIS B 32 0.87 -16.80 36.16
N GLN B 33 0.79 -17.02 34.86
CA GLN B 33 1.18 -16.01 33.93
C GLN B 33 0.19 -15.99 32.79
N LEU B 34 -0.04 -14.81 32.24
CA LEU B 34 -0.82 -14.64 31.02
C LEU B 34 0.22 -14.49 29.97
N SER B 35 0.29 -15.41 28.98
CA SER B 35 1.24 -15.34 27.96
C SER B 35 0.48 -14.91 26.69
N LEU B 36 0.75 -13.70 26.20
CA LEU B 36 0.07 -13.16 25.04
C LEU B 36 0.67 -13.67 23.75
N ARG B 37 -0.20 -14.13 22.85
CA ARG B 37 0.27 -14.71 21.62
C ARG B 37 0.02 -13.82 20.44
N THR B 38 -1.25 -13.50 20.16
CA THR B 38 -1.56 -12.57 19.04
C THR B 38 -2.62 -11.53 19.46
N VAL B 39 -2.61 -10.39 18.77
CA VAL B 39 -3.63 -9.40 18.81
C VAL B 39 -4.04 -9.21 17.39
N SER B 40 -5.33 -9.10 17.13
CA SER B 40 -5.80 -9.12 15.72
C SER B 40 -7.08 -8.31 15.63
N LEU B 41 -7.34 -7.80 14.46
CA LEU B 41 -8.51 -6.95 14.29
C LEU B 41 -9.65 -7.78 13.74
N GLY B 42 -10.87 -7.58 14.26
CA GLY B 42 -12.04 -8.28 13.77
C GLY B 42 -12.59 -7.72 12.51
N ALA B 43 -13.50 -8.47 11.96
CA ALA B 43 -14.04 -8.19 10.63
C ALA B 43 -14.64 -6.79 10.44
N SER B 44 -15.26 -6.29 11.48
CA SER B 44 -15.94 -4.99 11.46
C SER B 44 -15.12 -3.78 11.90
N ALA B 45 -13.89 -3.99 12.35
CA ALA B 45 -13.04 -2.90 12.75
C ALA B 45 -12.99 -1.89 11.62
N LYS B 46 -13.07 -0.63 11.98
CA LYS B 46 -12.97 0.45 11.05
C LYS B 46 -11.52 0.58 10.66
N ASP B 47 -11.29 1.22 9.52
CA ASP B 47 -9.94 1.35 9.02
C ASP B 47 -9.24 2.59 9.56
N GLU B 48 -8.75 2.43 10.80
CA GLU B 48 -8.04 3.42 11.56
C GLU B 48 -7.05 2.62 12.43
N LEU B 49 -6.03 3.29 12.97
CA LEU B 49 -5.22 2.69 14.05
C LEU B 49 -6.02 2.28 15.29
N HIS B 50 -5.69 1.07 15.75
CA HIS B 50 -6.17 0.48 16.97
C HIS B 50 -4.95 0.27 17.85
N VAL B 51 -5.05 0.64 19.12
CA VAL B 51 -3.92 0.51 19.99
C VAL B 51 -4.36 -0.22 21.25
N VAL B 52 -3.64 -1.30 21.59
CA VAL B 52 -3.98 -2.10 22.77
C VAL B 52 -2.86 -1.84 23.77
N GLU B 53 -3.26 -1.56 25.00
CA GLU B 53 -2.37 -1.29 26.10
C GLU B 53 -2.56 -2.32 27.24
N ALA B 54 -1.50 -2.58 27.99
CA ALA B 54 -1.60 -3.35 29.18
C ALA B 54 -1.29 -2.49 30.37
N GLU B 55 -2.02 -2.74 31.44
CA GLU B 55 -1.79 -1.98 32.69
C GLU B 55 -1.51 -3.01 33.82
N GLY B 56 -0.37 -2.89 34.44
CA GLY B 56 0.09 -3.85 35.43
C GLY B 56 1.28 -3.29 36.26
N ILE B 57 1.90 -4.16 37.05
CA ILE B 57 2.88 -3.72 37.99
C ILE B 57 4.28 -3.66 37.39
N ASN B 58 5.03 -2.59 37.60
CA ASN B 58 6.45 -2.55 37.32
C ASN B 58 7.34 -3.08 38.45
N TYR B 59 8.64 -3.08 38.27
CA TYR B 59 9.57 -3.72 39.19
C TYR B 59 9.57 -3.05 40.57
N GLU B 60 9.16 -1.82 40.59
CA GLU B 60 9.08 -1.10 41.88
C GLU B 60 7.66 -1.19 42.47
N GLY B 61 6.78 -2.05 41.93
CA GLY B 61 5.43 -2.24 42.46
C GLY B 61 4.43 -1.17 42.15
N LYS B 62 4.73 -0.32 41.18
CA LYS B 62 3.90 0.77 40.76
C LYS B 62 3.15 0.35 39.49
N THR B 63 1.88 0.74 39.35
CA THR B 63 1.09 0.35 38.16
C THR B 63 1.48 1.24 37.00
N ILE B 64 1.85 0.67 35.82
CA ILE B 64 2.21 1.42 34.62
C ILE B 64 1.30 0.91 33.50
N LYS B 65 1.08 1.75 32.49
CA LYS B 65 0.37 1.40 31.27
C LYS B 65 1.46 1.34 30.17
N ILE B 66 1.43 0.29 29.36
CA ILE B 66 2.42 0.11 28.30
C ILE B 66 1.64 -0.28 27.01
N ALA B 67 2.01 0.26 25.87
CA ALA B 67 1.35 -0.07 24.62
C ALA B 67 1.98 -1.35 24.14
N LEU B 68 1.16 -2.33 23.81
CA LEU B 68 1.56 -3.65 23.33
C LEU B 68 1.62 -3.68 21.83
N ALA B 69 0.61 -3.10 21.17
CA ALA B 69 0.48 -3.16 19.72
C ALA B 69 -0.33 -2.03 19.14
N SER B 70 -0.01 -1.69 17.88
CA SER B 70 -0.78 -0.79 17.08
C SER B 70 -1.14 -1.49 15.78
N LEU B 71 -2.44 -1.59 15.48
CA LEU B 71 -2.85 -2.38 14.32
C LEU B 71 -3.78 -1.55 13.44
N LYS B 72 -3.90 -1.90 12.17
CA LYS B 72 -4.82 -1.19 11.29
C LYS B 72 -5.18 -2.15 10.18
N PRO B 73 -6.45 -2.30 9.85
CA PRO B 73 -6.86 -3.37 8.96
C PRO B 73 -6.25 -3.36 7.55
N SER B 74 -5.96 -2.24 6.96
CA SER B 74 -5.38 -2.23 5.64
C SER B 74 -3.85 -2.16 5.63
N VAL B 75 -3.20 -2.19 6.81
CA VAL B 75 -1.77 -2.19 6.86
C VAL B 75 -1.22 -3.41 7.66
N GLN B 76 -1.78 -3.65 8.80
CA GLN B 76 -1.25 -4.72 9.70
C GLN B 76 -2.37 -5.19 10.67
N PRO B 77 -3.23 -6.10 10.22
CA PRO B 77 -4.40 -6.59 10.97
C PRO B 77 -4.09 -7.47 12.14
N THR B 78 -2.93 -8.11 12.11
CA THR B 78 -2.50 -9.01 13.22
C THR B 78 -1.02 -8.78 13.61
N VAL B 79 -0.71 -8.86 14.93
CA VAL B 79 0.60 -8.85 15.41
C VAL B 79 0.76 -10.08 16.29
N SER B 80 1.81 -10.88 16.04
CA SER B 80 2.17 -11.94 16.97
C SER B 80 3.13 -11.43 17.97
N LEU B 81 2.84 -11.60 19.27
CA LEU B 81 3.77 -11.26 20.32
C LEU B 81 4.67 -12.35 20.81
N GLY B 82 4.38 -13.61 20.41
CA GLY B 82 5.33 -14.68 20.59
C GLY B 82 5.47 -15.11 22.06
N GLY B 83 4.46 -14.93 22.89
CA GLY B 83 4.44 -15.40 24.29
C GLY B 83 5.05 -14.35 25.22
N PHE B 84 4.45 -13.17 25.21
CA PHE B 84 4.75 -12.10 26.15
C PHE B 84 4.02 -12.41 27.45
N GLU B 85 4.78 -12.90 28.41
CA GLU B 85 4.20 -13.27 29.71
C GLU B 85 4.06 -12.10 30.61
N ILE B 86 2.89 -11.97 31.21
CA ILE B 86 2.63 -10.98 32.19
C ILE B 86 2.05 -11.63 33.46
N THR B 87 2.59 -11.23 34.59
CA THR B 87 2.07 -11.67 35.92
C THR B 87 0.77 -10.95 36.27
N PRO B 88 -0.31 -11.67 36.68
CA PRO B 88 -1.51 -11.02 37.10
C PRO B 88 -1.26 -10.18 38.35
N PRO B 89 -2.07 -9.18 38.58
CA PRO B 89 -3.19 -8.78 37.72
C PRO B 89 -2.79 -7.86 36.60
N VAL B 90 -3.49 -7.95 35.48
CA VAL B 90 -3.25 -7.02 34.36
C VAL B 90 -4.56 -6.71 33.67
N ILE B 91 -4.75 -5.48 33.27
CA ILE B 91 -5.86 -5.06 32.42
C ILE B 91 -5.34 -4.94 31.07
N LEU B 92 -6.07 -5.49 30.09
CA LEU B 92 -5.79 -5.18 28.67
C LEU B 92 -6.86 -4.20 28.22
N ARG B 93 -6.51 -3.19 27.46
CA ARG B 93 -7.41 -2.10 27.14
C ARG B 93 -7.22 -1.60 25.71
N LEU B 94 -8.33 -1.37 25.02
CA LEU B 94 -8.31 -0.66 23.76
C LEU B 94 -8.12 0.81 23.97
N LYS B 95 -6.89 1.32 23.83
CA LYS B 95 -6.47 2.71 24.16
C LYS B 95 -6.89 3.64 23.02
N SER B 96 -7.26 3.04 21.89
CA SER B 96 -7.94 3.79 20.85
C SER B 96 -8.30 2.94 19.67
N GLY B 97 -9.09 3.56 18.82
CA GLY B 97 -9.70 2.81 17.77
C GLY B 97 -10.95 2.21 18.27
N SER B 98 -11.66 1.68 17.26
CA SER B 98 -13.05 1.20 17.31
C SER B 98 -13.17 -0.17 17.86
N GLY B 99 -12.19 -1.01 17.56
CA GLY B 99 -12.40 -2.44 17.61
C GLY B 99 -13.47 -2.95 16.72
N PRO B 100 -13.86 -4.21 16.82
CA PRO B 100 -13.28 -5.21 17.77
C PRO B 100 -11.79 -5.54 17.55
N VAL B 101 -11.06 -5.70 18.65
CA VAL B 101 -9.67 -6.22 18.61
C VAL B 101 -9.75 -7.50 19.47
N TYR B 102 -9.01 -8.55 19.12
CA TYR B 102 -9.02 -9.76 19.85
C TYR B 102 -7.60 -10.01 20.34
N VAL B 103 -7.47 -10.61 21.52
CA VAL B 103 -6.16 -11.03 22.01
C VAL B 103 -6.31 -12.53 22.22
N SER B 104 -5.30 -13.29 21.82
CA SER B 104 -5.19 -14.68 22.13
C SER B 104 -3.95 -14.99 22.92
N GLY B 105 -3.95 -16.08 23.67
CA GLY B 105 -2.76 -16.48 24.34
C GLY B 105 -3.01 -17.68 25.22
N GLN B 106 -2.21 -17.80 26.28
CA GLN B 106 -2.25 -18.95 27.19
C GLN B 106 -2.32 -18.47 28.63
N HIS B 107 -3.04 -19.15 29.48
CA HIS B 107 -2.94 -18.94 30.93
C HIS B 107 -2.10 -20.07 31.43
N LEU B 108 -0.87 -19.79 31.89
CA LEU B 108 0.13 -20.74 32.34
C LEU B 108 0.04 -20.85 33.87
N VAL B 109 0.22 -22.07 34.39
CA VAL B 109 0.17 -22.26 35.83
C VAL B 109 1.36 -23.19 36.17
N ALA B 110 2.14 -22.85 37.20
CA ALA B 110 3.20 -23.74 37.64
C ALA B 110 3.29 -23.75 39.14
N LEU B 111 3.94 -24.83 39.62
CA LEU B 111 4.77 -24.89 40.86
C LEU B 111 3.79 -25.57 41.71
N GLN C 6 9.08 -36.38 21.00
CA GLN C 6 9.28 -36.52 19.49
C GLN C 6 8.48 -35.41 18.73
N ASN C 7 8.78 -35.21 17.47
CA ASN C 7 8.33 -33.99 16.80
C ASN C 7 7.98 -34.29 15.38
N PHE C 8 6.71 -34.20 15.06
CA PHE C 8 6.17 -34.47 13.78
C PHE C 8 5.60 -33.16 13.17
N LEU C 9 5.73 -33.09 11.87
CA LEU C 9 5.04 -32.07 11.09
C LEU C 9 3.55 -32.11 11.28
N PHE C 10 2.90 -30.94 11.38
CA PHE C 10 1.47 -30.89 11.42
C PHE C 10 1.01 -29.81 10.41
N GLY C 11 -0.14 -30.02 9.82
CA GLY C 11 -0.76 -29.02 8.98
C GLY C 11 -2.22 -29.32 8.80
N CYS C 12 -2.98 -28.29 8.47
CA CYS C 12 -4.33 -28.46 8.03
C CYS C 12 -4.77 -27.35 7.10
N GLU C 13 -5.78 -27.64 6.29
CA GLU C 13 -6.32 -26.71 5.32
C GLU C 13 -7.77 -26.45 5.69
N LEU C 14 -8.14 -25.18 5.82
CA LEU C 14 -9.48 -24.80 6.19
C LEU C 14 -10.02 -24.09 4.93
N LYS C 15 -11.24 -24.40 4.51
CA LYS C 15 -11.76 -23.84 3.27
C LYS C 15 -13.27 -23.95 3.24
N ALA C 16 -13.91 -23.49 2.17
CA ALA C 16 -15.35 -23.26 2.23
C ALA C 16 -16.09 -24.55 2.51
N ASP C 17 -15.55 -25.63 1.93
CA ASP C 17 -15.80 -27.07 2.05
C ASP C 17 -15.70 -27.73 3.43
N LYS C 18 -14.75 -27.18 4.17
CA LYS C 18 -14.23 -27.87 5.31
C LYS C 18 -13.66 -26.80 6.15
N LYS C 19 -14.51 -26.09 6.88
CA LYS C 19 -14.09 -24.95 7.65
C LYS C 19 -13.35 -25.30 8.92
N GLU C 20 -13.41 -26.56 9.39
CA GLU C 20 -12.90 -26.92 10.69
C GLU C 20 -11.90 -28.06 10.59
N TYR C 21 -10.95 -28.03 11.50
CA TYR C 21 -10.08 -29.12 11.74
C TYR C 21 -10.09 -29.43 13.24
N SER C 22 -10.27 -30.70 13.60
CA SER C 22 -10.41 -31.11 15.00
C SER C 22 -9.13 -31.85 15.42
N PHE C 23 -8.41 -31.28 16.36
CA PHE C 23 -7.28 -31.96 16.93
C PHE C 23 -7.69 -32.65 18.25
N LYS C 24 -7.59 -33.97 18.24
CA LYS C 24 -7.99 -34.80 19.39
C LYS C 24 -6.91 -35.83 19.77
N VAL C 25 -7.29 -37.10 19.67
CA VAL C 25 -6.45 -38.31 19.70
C VAL C 25 -6.39 -38.86 21.15
N GLU C 26 -5.50 -39.80 21.41
CA GLU C 26 -5.78 -40.84 22.45
C GLU C 26 -4.83 -40.58 23.60
N HIS C 32 0.49 -35.30 24.64
CA HIS C 32 0.59 -34.57 23.35
C HIS C 32 0.38 -33.05 23.33
N GLN C 33 0.85 -32.35 22.30
CA GLN C 33 0.73 -30.89 22.24
C GLN C 33 0.85 -30.52 20.79
N LEU C 34 0.04 -29.60 20.35
CA LEU C 34 0.20 -29.01 19.05
C LEU C 34 0.96 -27.71 19.23
N SER C 35 1.97 -27.44 18.43
CA SER C 35 2.59 -26.11 18.51
C SER C 35 2.40 -25.40 17.16
N LEU C 36 1.55 -24.39 17.13
CA LEU C 36 1.27 -23.72 15.88
C LEU C 36 2.34 -22.75 15.48
N ARG C 37 2.76 -22.85 14.22
CA ARG C 37 3.82 -22.08 13.68
C ARG C 37 3.38 -20.96 12.76
N THR C 38 2.69 -21.26 11.69
CA THR C 38 2.19 -20.21 10.81
C THR C 38 0.78 -20.44 10.40
N VAL C 39 0.14 -19.31 10.03
CA VAL C 39 -1.14 -19.37 9.39
C VAL C 39 -1.00 -18.57 8.08
N SER C 40 -1.44 -19.10 6.94
CA SER C 40 -1.19 -18.44 5.67
C SER C 40 -2.33 -18.63 4.67
N LEU C 41 -2.53 -17.66 3.78
CA LEU C 41 -3.67 -17.73 2.83
C LEU C 41 -3.16 -18.39 1.55
N GLY C 42 -3.99 -19.21 0.96
CA GLY C 42 -3.62 -19.87 -0.28
C GLY C 42 -3.77 -18.93 -1.41
N ALA C 43 -3.19 -19.36 -2.54
CA ALA C 43 -2.93 -18.49 -3.67
C ALA C 43 -4.23 -17.90 -4.25
N SER C 44 -5.25 -18.73 -4.16
CA SER C 44 -6.58 -18.49 -4.69
C SER C 44 -7.61 -17.79 -3.75
N ALA C 45 -7.23 -17.44 -2.52
CA ALA C 45 -8.14 -16.79 -1.58
C ALA C 45 -8.61 -15.45 -2.09
N LYS C 46 -9.88 -15.16 -1.87
CA LYS C 46 -10.41 -13.83 -2.16
C LYS C 46 -9.69 -12.80 -1.37
N ASP C 47 -9.41 -11.70 -2.06
CA ASP C 47 -8.79 -10.54 -1.40
C ASP C 47 -9.71 -9.87 -0.43
N GLU C 48 -9.87 -10.46 0.77
CA GLU C 48 -10.74 -9.96 1.84
C GLU C 48 -10.09 -10.47 3.18
N LEU C 49 -10.60 -9.97 4.28
CA LEU C 49 -10.15 -10.37 5.58
C LEU C 49 -10.57 -11.85 5.79
N HIS C 50 -9.63 -12.65 6.28
CA HIS C 50 -9.88 -14.02 6.80
C HIS C 50 -9.59 -14.03 8.29
N VAL C 51 -10.45 -14.64 9.08
CA VAL C 51 -10.23 -14.86 10.51
C VAL C 51 -10.21 -16.34 10.84
N VAL C 52 -9.12 -16.78 11.45
CA VAL C 52 -8.96 -18.12 11.95
C VAL C 52 -9.07 -18.11 13.49
N GLU C 53 -9.93 -18.98 14.04
CA GLU C 53 -10.12 -19.10 15.48
C GLU C 53 -9.85 -20.48 16.00
N ALA C 54 -9.52 -20.55 17.30
CA ALA C 54 -9.30 -21.81 18.00
C ALA C 54 -10.39 -21.94 19.04
N GLU C 55 -10.96 -23.14 19.20
CA GLU C 55 -12.01 -23.39 20.22
C GLU C 55 -11.54 -24.55 21.15
N GLY C 56 -11.56 -24.22 22.43
CA GLY C 56 -11.14 -25.13 23.48
C GLY C 56 -11.48 -24.63 24.86
N ILE C 57 -10.94 -25.33 25.84
CA ILE C 57 -11.23 -25.13 27.28
C ILE C 57 -10.29 -24.14 27.97
N ASN C 58 -10.81 -23.18 28.69
CA ASN C 58 -9.93 -22.30 29.43
C ASN C 58 -9.61 -22.83 30.86
N TYR C 59 -8.87 -22.02 31.62
CA TYR C 59 -8.48 -22.31 32.99
C TYR C 59 -9.66 -22.62 33.95
N GLU C 60 -10.78 -21.96 33.76
CA GLU C 60 -12.06 -22.26 34.49
C GLU C 60 -12.75 -23.56 34.06
N GLY C 61 -12.26 -24.18 33.00
CA GLY C 61 -12.94 -25.29 32.35
C GLY C 61 -14.10 -24.83 31.45
N LYS C 62 -14.22 -23.55 31.08
CA LYS C 62 -15.28 -23.06 30.17
C LYS C 62 -14.77 -23.22 28.70
N THR C 63 -15.63 -23.61 27.76
CA THR C 63 -15.32 -23.57 26.28
C THR C 63 -15.32 -22.18 25.75
N ILE C 64 -14.19 -21.80 25.12
CA ILE C 64 -14.07 -20.47 24.56
C ILE C 64 -13.60 -20.60 23.14
N LYS C 65 -13.91 -19.53 22.40
CA LYS C 65 -13.44 -19.34 21.03
C LYS C 65 -12.48 -18.13 21.11
N ILE C 66 -11.28 -18.31 20.58
CA ILE C 66 -10.28 -17.25 20.56
C ILE C 66 -9.85 -17.00 19.13
N ALA C 67 -9.62 -15.76 18.83
CA ALA C 67 -9.18 -15.40 17.49
C ALA C 67 -7.67 -15.52 17.34
N LEU C 68 -7.19 -16.39 16.45
CA LEU C 68 -5.73 -16.60 16.32
C LEU C 68 -5.08 -15.56 15.41
N ALA C 69 -5.72 -15.34 14.26
CA ALA C 69 -5.15 -14.41 13.28
C ALA C 69 -6.21 -13.88 12.35
N SER C 70 -5.98 -12.67 11.90
CA SER C 70 -6.67 -11.98 10.85
C SER C 70 -5.70 -11.75 9.67
N LEU C 71 -6.00 -12.29 8.50
CA LEU C 71 -5.09 -12.24 7.36
C LEU C 71 -5.84 -11.66 6.16
N LYS C 72 -5.11 -11.00 5.28
CA LYS C 72 -5.67 -10.48 4.01
C LYS C 72 -4.61 -10.64 2.91
N PRO C 73 -4.93 -11.20 1.73
CA PRO C 73 -3.90 -11.36 0.71
C PRO C 73 -3.06 -10.14 0.32
N SER C 74 -3.67 -8.99 0.20
CA SER C 74 -2.94 -7.83 -0.24
C SER C 74 -2.30 -6.98 0.87
N VAL C 75 -2.41 -7.45 2.08
CA VAL C 75 -1.93 -6.78 3.24
C VAL C 75 -1.01 -7.62 4.11
N GLN C 76 -1.46 -8.82 4.46
CA GLN C 76 -0.68 -9.69 5.37
C GLN C 76 -1.14 -11.13 5.10
N PRO C 77 -0.56 -11.76 4.11
CA PRO C 77 -0.99 -13.12 3.78
C PRO C 77 -0.45 -14.25 4.69
N THR C 78 0.53 -14.00 5.52
CA THR C 78 0.99 -14.99 6.49
C THR C 78 1.16 -14.30 7.87
N VAL C 79 0.85 -15.04 8.94
CA VAL C 79 1.22 -14.66 10.29
C VAL C 79 2.00 -15.80 10.90
N SER C 80 3.12 -15.49 11.48
CA SER C 80 3.87 -16.47 12.22
C SER C 80 3.57 -16.41 13.71
N LEU C 81 3.09 -17.52 14.28
CA LEU C 81 2.68 -17.60 15.67
C LEU C 81 3.82 -17.91 16.65
N GLY C 82 4.99 -18.38 16.17
CA GLY C 82 6.13 -18.54 17.08
C GLY C 82 6.09 -19.80 17.94
N GLY C 83 5.23 -20.78 17.62
CA GLY C 83 5.12 -21.93 18.49
C GLY C 83 4.09 -21.67 19.59
N PHE C 84 2.84 -21.51 19.18
CA PHE C 84 1.73 -21.36 20.13
C PHE C 84 1.26 -22.77 20.56
N GLU C 85 1.69 -23.20 21.73
CA GLU C 85 1.37 -24.58 22.22
C GLU C 85 -0.06 -24.64 22.69
N ILE C 86 -0.78 -25.67 22.23
CA ILE C 86 -2.16 -25.84 22.70
C ILE C 86 -2.33 -27.28 23.19
N THR C 87 -3.09 -27.43 24.27
CA THR C 87 -3.41 -28.79 24.77
C THR C 87 -4.69 -29.33 24.03
N PRO C 88 -4.68 -30.56 23.56
CA PRO C 88 -5.91 -31.17 23.01
C PRO C 88 -6.96 -31.36 24.08
N PRO C 89 -8.24 -31.20 23.77
CA PRO C 89 -8.72 -30.98 22.39
C PRO C 89 -8.91 -29.50 21.98
N VAL C 90 -8.74 -29.28 20.69
CA VAL C 90 -8.96 -27.99 20.07
C VAL C 90 -9.48 -28.16 18.65
N ILE C 91 -10.39 -27.31 18.29
CA ILE C 91 -10.84 -27.17 16.95
C ILE C 91 -10.29 -25.83 16.38
N LEU C 92 -9.72 -25.93 15.20
CA LEU C 92 -9.30 -24.75 14.44
C LEU C 92 -10.35 -24.48 13.37
N ARG C 93 -10.75 -23.22 13.23
CA ARG C 93 -11.83 -22.94 12.28
C ARG C 93 -11.69 -21.66 11.52
N LEU C 94 -12.07 -21.76 10.25
CA LEU C 94 -12.17 -20.58 9.41
C LEU C 94 -13.49 -19.90 9.71
N LYS C 95 -13.41 -18.81 10.44
CA LYS C 95 -14.57 -18.03 10.92
C LYS C 95 -15.13 -17.11 9.88
N SER C 96 -14.29 -16.49 9.10
CA SER C 96 -14.71 -15.73 7.92
C SER C 96 -13.61 -15.66 6.86
N GLY C 97 -14.04 -15.35 5.64
CA GLY C 97 -13.21 -15.26 4.46
C GLY C 97 -13.37 -16.53 3.61
N SER C 98 -13.11 -16.44 2.30
CA SER C 98 -13.31 -17.55 1.37
C SER C 98 -12.44 -18.77 1.71
N GLY C 99 -11.20 -18.51 2.16
CA GLY C 99 -10.14 -19.50 2.11
C GLY C 99 -9.64 -19.82 0.71
N PRO C 100 -8.78 -20.82 0.57
CA PRO C 100 -8.37 -21.72 1.64
C PRO C 100 -7.34 -20.99 2.57
N VAL C 101 -7.19 -21.44 3.80
CA VAL C 101 -6.23 -20.89 4.76
C VAL C 101 -5.54 -22.16 5.28
N TYR C 102 -4.27 -22.04 5.52
CA TYR C 102 -3.47 -23.18 5.96
C TYR C 102 -2.94 -22.86 7.34
N VAL C 103 -2.74 -23.91 8.12
CA VAL C 103 -2.11 -23.76 9.40
C VAL C 103 -0.96 -24.79 9.43
N SER C 104 0.22 -24.41 9.82
CA SER C 104 1.36 -25.31 9.96
C SER C 104 1.89 -25.31 11.38
N GLY C 105 2.54 -26.39 11.75
CA GLY C 105 3.06 -26.45 13.07
C GLY C 105 3.68 -27.84 13.35
N GLN C 106 3.74 -28.15 14.60
CA GLN C 106 4.31 -29.43 15.04
C GLN C 106 3.34 -30.13 15.90
N HIS C 107 3.38 -31.47 15.85
CA HIS C 107 2.67 -32.30 16.80
C HIS C 107 3.71 -32.95 17.63
N LEU C 108 3.67 -32.63 18.92
CA LEU C 108 4.76 -32.98 19.80
C LEU C 108 4.27 -34.13 20.62
N VAL C 109 5.10 -35.16 20.75
CA VAL C 109 4.79 -36.30 21.65
C VAL C 109 5.93 -36.58 22.62
N ALA C 110 5.52 -36.82 23.84
CA ALA C 110 6.40 -36.95 25.01
C ALA C 110 5.92 -38.08 25.88
N LEU C 111 6.56 -39.27 25.81
CA LEU C 111 6.28 -40.41 26.75
C LEU C 111 4.86 -40.89 26.59
N SER D 5 25.61 -30.55 21.09
CA SER D 5 24.92 -29.44 20.36
C SER D 5 25.96 -28.73 19.49
N GLN D 6 25.96 -29.03 18.18
CA GLN D 6 26.65 -28.24 17.20
C GLN D 6 25.55 -27.51 16.37
N ASN D 7 25.87 -26.29 15.95
CA ASN D 7 24.87 -25.49 15.22
C ASN D 7 25.63 -24.98 14.02
N PHE D 8 25.09 -25.31 12.85
CA PHE D 8 25.57 -24.91 11.54
C PHE D 8 24.54 -24.08 10.77
N LEU D 9 24.99 -23.25 9.87
CA LEU D 9 24.02 -22.56 9.06
C LEU D 9 23.35 -23.47 8.11
N PHE D 10 22.09 -23.13 7.78
CA PHE D 10 21.34 -23.86 6.78
C PHE D 10 20.72 -22.86 5.77
N GLY D 11 20.71 -23.18 4.49
CA GLY D 11 19.94 -22.39 3.51
C GLY D 11 19.60 -23.19 2.26
N CYS D 12 18.60 -22.73 1.53
CA CYS D 12 18.37 -23.31 0.22
C CYS D 12 17.65 -22.28 -0.61
N GLU D 13 17.77 -22.43 -1.93
CA GLU D 13 17.14 -21.54 -2.88
C GLU D 13 16.16 -22.42 -3.70
N LEU D 14 14.90 -21.99 -3.81
CA LEU D 14 13.85 -22.72 -4.56
C LEU D 14 13.49 -21.84 -5.73
N LYS D 15 13.55 -22.38 -6.94
CA LYS D 15 13.37 -21.56 -8.12
C LYS D 15 12.72 -22.37 -9.19
N ALA D 16 12.42 -21.74 -10.34
CA ALA D 16 11.68 -22.47 -11.38
C ALA D 16 12.26 -23.75 -11.86
N ASP D 17 13.58 -23.79 -12.02
CA ASP D 17 14.26 -25.05 -12.53
C ASP D 17 14.66 -25.95 -11.35
N LYS D 18 14.42 -25.45 -10.13
CA LYS D 18 14.79 -26.24 -8.96
C LYS D 18 13.81 -25.95 -7.86
N LYS D 19 12.67 -26.56 -7.96
CA LYS D 19 11.60 -26.19 -7.04
C LYS D 19 11.64 -26.88 -5.71
N GLU D 20 12.48 -27.91 -5.57
CA GLU D 20 12.60 -28.67 -4.32
C GLU D 20 13.98 -28.70 -3.70
N TYR D 21 13.97 -28.83 -2.39
CA TYR D 21 15.20 -29.06 -1.64
C TYR D 21 14.86 -30.19 -0.74
N SER D 22 15.66 -31.26 -0.81
CA SER D 22 15.54 -32.49 -0.02
C SER D 22 16.48 -32.52 1.22
N PHE D 23 15.92 -32.35 2.41
CA PHE D 23 16.67 -32.49 3.66
C PHE D 23 16.56 -33.95 4.08
N LYS D 24 17.62 -34.66 3.84
CA LYS D 24 17.67 -36.05 4.24
C LYS D 24 19.06 -36.20 4.78
N VAL D 25 19.18 -37.08 5.75
CA VAL D 25 20.53 -37.27 6.26
C VAL D 25 20.69 -38.72 6.64
N GLU D 26 21.91 -39.22 6.76
CA GLU D 26 21.99 -40.68 7.01
C GLU D 26 23.32 -41.24 7.39
N ASP D 27 23.26 -42.45 7.96
CA ASP D 27 24.46 -43.22 8.30
C ASP D 27 25.28 -42.26 9.18
N ASP D 28 24.51 -41.43 9.88
CA ASP D 28 25.01 -40.62 10.97
C ASP D 28 24.68 -41.37 12.22
N GLU D 29 25.64 -41.26 13.13
CA GLU D 29 25.58 -41.78 14.48
C GLU D 29 25.23 -40.61 15.46
N ASN D 30 24.26 -39.78 15.10
CA ASN D 30 24.17 -38.38 15.50
C ASN D 30 22.77 -37.93 15.14
N GLU D 31 22.11 -37.14 15.98
CA GLU D 31 20.71 -36.74 15.71
C GLU D 31 20.66 -35.41 15.02
N HIS D 32 19.85 -35.28 13.97
CA HIS D 32 19.85 -34.05 13.12
C HIS D 32 18.51 -33.41 13.19
N GLN D 33 18.52 -32.09 13.38
CA GLN D 33 17.34 -31.31 13.17
C GLN D 33 17.63 -30.07 12.33
N LEU D 34 16.61 -29.57 11.63
CA LEU D 34 16.62 -28.26 11.04
C LEU D 34 15.70 -27.31 11.83
N SER D 35 16.11 -26.12 12.03
CA SER D 35 15.24 -25.14 12.63
C SER D 35 15.16 -24.04 11.60
N LEU D 36 13.98 -23.86 11.04
CA LEU D 36 13.82 -22.85 9.96
C LEU D 36 13.59 -21.49 10.61
N ARG D 37 14.25 -20.49 10.04
CA ARG D 37 14.15 -19.15 10.51
C ARG D 37 13.41 -18.23 9.60
N THR D 38 13.83 -18.04 8.36
CA THR D 38 13.11 -17.08 7.47
C THR D 38 12.89 -17.69 6.14
N VAL D 39 11.86 -17.22 5.45
CA VAL D 39 11.61 -17.53 4.04
C VAL D 39 11.57 -16.19 3.42
N SER D 40 12.29 -15.96 2.33
CA SER D 40 12.34 -14.66 1.72
C SER D 40 12.37 -14.70 0.19
N LEU D 41 11.87 -13.64 -0.46
CA LEU D 41 11.83 -13.56 -1.91
C LEU D 41 13.02 -12.85 -2.45
N GLY D 42 13.61 -13.43 -3.48
CA GLY D 42 14.71 -12.80 -4.20
C GLY D 42 14.28 -11.65 -5.05
N ALA D 43 15.27 -10.87 -5.46
CA ALA D 43 14.94 -9.63 -6.20
C ALA D 43 14.11 -9.73 -7.47
N SER D 44 14.29 -10.83 -8.20
CA SER D 44 13.76 -10.92 -9.55
C SER D 44 12.42 -11.66 -9.44
N ALA D 45 11.97 -11.94 -8.22
CA ALA D 45 10.69 -12.63 -8.13
C ALA D 45 9.52 -11.82 -8.69
N LYS D 46 8.71 -12.46 -9.51
CA LYS D 46 7.45 -11.88 -9.96
C LYS D 46 6.63 -11.41 -8.78
N ASP D 47 6.08 -10.21 -8.90
CA ASP D 47 5.17 -9.68 -7.87
C ASP D 47 3.81 -10.43 -7.90
N GLU D 48 3.83 -11.61 -7.30
CA GLU D 48 2.71 -12.47 -7.18
C GLU D 48 2.89 -13.31 -5.89
N LEU D 49 1.81 -13.96 -5.46
CA LEU D 49 1.85 -14.77 -4.26
C LEU D 49 2.75 -15.99 -4.50
N HIS D 50 3.64 -16.27 -3.58
CA HIS D 50 4.51 -17.42 -3.64
C HIS D 50 4.16 -18.25 -2.42
N VAL D 51 4.12 -19.57 -2.57
CA VAL D 51 3.83 -20.42 -1.48
C VAL D 51 4.91 -21.46 -1.36
N VAL D 52 5.45 -21.60 -0.16
CA VAL D 52 6.43 -22.62 0.14
C VAL D 52 5.81 -23.62 1.09
N GLU D 53 5.97 -24.92 0.73
CA GLU D 53 5.45 -26.00 1.54
C GLU D 53 6.55 -26.94 1.98
N ALA D 54 6.27 -27.67 3.06
CA ALA D 54 7.08 -28.73 3.63
C ALA D 54 6.31 -30.05 3.45
N GLU D 55 7.05 -31.11 3.07
CA GLU D 55 6.45 -32.41 2.83
C GLU D 55 7.21 -33.47 3.72
N GLY D 56 6.53 -34.12 4.58
CA GLY D 56 7.13 -35.11 5.48
C GLY D 56 6.07 -35.91 6.19
N ILE D 57 6.48 -36.76 7.13
CA ILE D 57 5.57 -37.73 7.75
C ILE D 57 4.98 -37.21 9.05
N ASN D 58 3.67 -37.36 9.19
CA ASN D 58 2.96 -36.91 10.36
C ASN D 58 2.93 -37.99 11.46
N TYR D 59 2.30 -37.66 12.58
CA TYR D 59 2.34 -38.41 13.83
C TYR D 59 1.72 -39.78 13.61
N GLU D 60 0.80 -39.86 12.66
CA GLU D 60 0.11 -41.12 12.31
C GLU D 60 0.68 -41.84 11.08
N GLY D 61 1.92 -41.50 10.68
CA GLY D 61 2.69 -42.20 9.66
C GLY D 61 2.42 -41.93 8.17
N LYS D 62 1.60 -40.91 7.91
CA LYS D 62 1.14 -40.47 6.59
C LYS D 62 2.02 -39.32 6.12
N THR D 63 2.67 -39.43 4.98
CA THR D 63 3.22 -38.24 4.30
C THR D 63 2.22 -37.13 4.15
N ILE D 64 2.56 -35.91 4.65
CA ILE D 64 1.72 -34.73 4.43
C ILE D 64 2.53 -33.59 3.83
N LYS D 65 1.82 -32.68 3.19
CA LYS D 65 2.32 -31.40 2.73
C LYS D 65 1.63 -30.30 3.58
N ILE D 66 2.44 -29.42 4.13
CA ILE D 66 1.91 -28.33 4.98
C ILE D 66 2.41 -27.05 4.36
N ALA D 67 1.67 -25.97 4.47
CA ALA D 67 2.11 -24.71 3.94
C ALA D 67 2.91 -23.98 4.98
N LEU D 68 4.13 -23.58 4.66
CA LEU D 68 4.97 -22.85 5.60
C LEU D 68 4.68 -21.37 5.50
N ALA D 69 4.67 -20.84 4.27
CA ALA D 69 4.44 -19.40 4.10
C ALA D 69 3.90 -19.04 2.77
N SER D 70 3.08 -17.96 2.77
CA SER D 70 2.66 -17.24 1.58
C SER D 70 3.32 -15.86 1.59
N LEU D 71 4.08 -15.56 0.55
CA LEU D 71 4.82 -14.33 0.45
C LEU D 71 4.51 -13.57 -0.83
N LYS D 72 4.70 -12.27 -0.81
CA LYS D 72 4.49 -11.48 -2.03
C LYS D 72 5.45 -10.28 -1.97
N PRO D 73 6.16 -10.02 -3.06
CA PRO D 73 7.16 -8.96 -3.06
C PRO D 73 6.71 -7.57 -2.56
N SER D 74 5.52 -7.22 -3.00
CA SER D 74 4.98 -5.89 -2.71
C SER D 74 4.16 -5.80 -1.42
N VAL D 75 4.07 -6.90 -0.70
CA VAL D 75 3.18 -6.98 0.45
C VAL D 75 3.91 -7.48 1.65
N GLN D 76 4.64 -8.56 1.47
CA GLN D 76 5.36 -9.23 2.59
C GLN D 76 6.49 -10.16 2.00
N PRO D 77 7.62 -9.57 1.75
CA PRO D 77 8.73 -10.30 1.08
C PRO D 77 9.51 -11.20 1.96
N THR D 78 9.37 -11.08 3.26
CA THR D 78 10.05 -12.01 4.20
C THR D 78 9.07 -12.44 5.30
N VAL D 79 9.08 -13.74 5.69
CA VAL D 79 8.36 -14.20 6.83
C VAL D 79 9.36 -14.87 7.74
N SER D 80 9.31 -14.53 9.00
CA SER D 80 10.10 -15.19 10.03
C SER D 80 9.33 -16.29 10.68
N LEU D 81 9.87 -17.49 10.62
CA LEU D 81 9.23 -18.65 11.28
C LEU D 81 9.62 -18.91 12.76
N GLY D 82 10.72 -18.31 13.22
CA GLY D 82 11.02 -18.22 14.61
C GLY D 82 11.62 -19.51 15.15
N GLY D 83 12.26 -20.31 14.30
CA GLY D 83 12.76 -21.59 14.72
C GLY D 83 11.81 -22.80 14.67
N PHE D 84 11.29 -23.11 13.49
CA PHE D 84 10.30 -24.16 13.21
C PHE D 84 11.21 -25.38 13.06
N GLU D 85 11.21 -26.23 14.07
CA GLU D 85 12.20 -27.33 14.08
C GLU D 85 11.52 -28.54 13.35
N ILE D 86 12.21 -29.15 12.40
CA ILE D 86 11.76 -30.26 11.58
C ILE D 86 12.83 -31.39 11.61
N THR D 87 12.31 -32.56 11.77
CA THR D 87 13.08 -33.79 11.78
C THR D 87 13.20 -34.36 10.34
N PRO D 88 14.40 -34.81 9.90
CA PRO D 88 14.57 -35.40 8.58
C PRO D 88 13.87 -36.75 8.42
N PRO D 89 13.45 -37.18 7.22
CA PRO D 89 13.53 -36.44 5.96
C PRO D 89 12.36 -35.46 5.76
N VAL D 90 12.69 -34.37 5.07
CA VAL D 90 11.74 -33.36 4.72
C VAL D 90 12.11 -32.72 3.37
N ILE D 91 11.10 -32.52 2.54
CA ILE D 91 11.25 -31.80 1.29
C ILE D 91 10.61 -30.39 1.49
N LEU D 92 11.32 -29.35 1.10
CA LEU D 92 10.79 -27.99 1.00
C LEU D 92 10.59 -27.71 -0.43
N ARG D 93 9.43 -27.14 -0.77
CA ARG D 93 9.09 -26.98 -2.15
C ARG D 93 8.41 -25.63 -2.46
N LEU D 94 8.69 -25.16 -3.63
CA LEU D 94 8.06 -23.94 -4.15
C LEU D 94 6.80 -24.42 -4.90
N LYS D 95 5.68 -24.37 -4.22
CA LYS D 95 4.39 -24.82 -4.71
C LYS D 95 3.82 -23.89 -5.78
N SER D 96 4.00 -22.57 -5.62
CA SER D 96 3.55 -21.66 -6.62
C SER D 96 4.31 -20.36 -6.51
N GLY D 97 4.26 -19.58 -7.58
CA GLY D 97 5.07 -18.39 -7.75
C GLY D 97 6.35 -18.66 -8.53
N SER D 98 6.81 -17.63 -9.20
CA SER D 98 8.00 -17.70 -10.03
C SER D 98 9.34 -17.96 -9.40
N GLY D 99 9.75 -16.86 -8.70
CA GLY D 99 11.08 -16.04 -8.93
C GLY D 99 11.63 -16.78 -7.88
N PRO D 100 12.88 -16.59 -7.50
CA PRO D 100 13.46 -17.47 -6.51
C PRO D 100 12.92 -17.09 -5.10
N VAL D 101 12.83 -18.12 -4.30
CA VAL D 101 12.54 -17.98 -2.83
C VAL D 101 13.68 -18.63 -2.04
N TYR D 102 14.00 -18.07 -0.89
CA TYR D 102 15.09 -18.58 -0.06
C TYR D 102 14.53 -19.01 1.28
N VAL D 103 15.10 -20.05 1.82
CA VAL D 103 14.85 -20.37 3.22
C VAL D 103 16.17 -20.36 3.96
N SER D 104 16.21 -19.80 5.16
CA SER D 104 17.44 -19.82 5.98
C SER D 104 17.07 -20.48 7.32
N GLY D 105 18.06 -21.04 7.99
CA GLY D 105 17.90 -21.51 9.31
C GLY D 105 19.18 -22.10 9.82
N GLN D 106 18.98 -23.02 10.70
CA GLN D 106 20.05 -23.72 11.42
C GLN D 106 19.95 -25.23 11.20
N HIS D 107 21.10 -25.90 11.13
CA HIS D 107 21.17 -27.35 11.09
C HIS D 107 21.92 -27.69 12.40
N LEU D 108 21.15 -28.23 13.31
CA LEU D 108 21.56 -28.73 14.62
C LEU D 108 21.95 -30.24 14.55
N VAL D 109 22.94 -30.61 15.35
CA VAL D 109 23.51 -31.94 15.39
C VAL D 109 23.76 -32.21 16.88
N SER E 5 25.26 -18.19 30.75
CA SER E 5 25.79 -17.36 29.68
C SER E 5 25.53 -15.91 30.02
N GLN E 6 26.31 -15.05 29.40
CA GLN E 6 26.11 -13.64 29.49
C GLN E 6 25.86 -13.15 28.13
N ASN E 7 25.27 -11.98 28.16
CA ASN E 7 24.61 -11.39 27.09
C ASN E 7 25.10 -9.95 26.87
N PHE E 8 25.62 -9.66 25.67
CA PHE E 8 26.10 -8.33 25.30
C PHE E 8 25.48 -7.94 23.96
N LEU E 9 25.33 -6.66 23.71
CA LEU E 9 24.78 -6.18 22.45
C LEU E 9 25.70 -6.44 21.30
N PHE E 10 25.09 -6.77 20.18
CA PHE E 10 25.69 -6.90 18.88
C PHE E 10 24.94 -6.04 17.85
N GLY E 11 25.71 -5.36 17.03
CA GLY E 11 25.16 -4.72 15.86
C GLY E 11 26.15 -4.34 14.77
N CYS E 12 25.62 -4.22 13.57
CA CYS E 12 26.38 -3.69 12.44
C CYS E 12 25.49 -2.96 11.45
N GLU E 13 26.13 -2.09 10.67
CA GLU E 13 25.56 -1.31 9.59
C GLU E 13 26.18 -1.79 8.31
N LEU E 14 25.33 -2.05 7.33
CA LEU E 14 25.73 -2.45 5.99
C LEU E 14 25.14 -1.41 5.00
N LYS E 15 25.93 -1.04 4.00
CA LYS E 15 25.51 -0.12 2.98
C LYS E 15 26.41 -0.33 1.75
N ALA E 16 26.01 0.35 0.70
CA ALA E 16 26.54 0.14 -0.65
C ALA E 16 28.05 0.36 -0.59
N ASP E 17 28.45 1.35 0.19
CA ASP E 17 29.84 1.56 0.48
C ASP E 17 30.50 0.70 1.49
N LYS E 18 29.79 -0.05 2.34
CA LYS E 18 30.46 -0.92 3.34
C LYS E 18 29.55 -2.10 3.32
N LYS E 19 29.74 -2.98 2.33
CA LYS E 19 28.77 -4.08 2.13
C LYS E 19 28.86 -5.27 3.09
N GLU E 20 29.98 -5.46 3.81
CA GLU E 20 30.22 -6.71 4.52
C GLU E 20 30.53 -6.36 5.94
N TYR E 21 30.21 -7.28 6.85
CA TYR E 21 30.65 -7.30 8.24
C TYR E 21 31.12 -8.73 8.63
N SER E 22 32.38 -8.81 9.07
CA SER E 22 33.02 -10.06 9.45
C SER E 22 32.88 -10.21 10.97
N PHE E 23 32.19 -11.21 11.43
CA PHE E 23 32.08 -11.46 12.85
C PHE E 23 33.07 -12.57 13.16
N LYS E 24 34.10 -12.27 13.95
CA LYS E 24 35.06 -13.27 14.41
C LYS E 24 35.35 -13.07 15.92
N VAL E 25 35.73 -14.12 16.65
CA VAL E 25 36.19 -13.97 18.05
C VAL E 25 37.48 -14.83 18.35
N GLU E 26 38.22 -14.56 19.46
CA GLU E 26 38.99 -15.62 20.22
C GLU E 26 38.54 -15.70 21.72
N ASP E 27 39.15 -16.54 22.61
CA ASP E 27 38.86 -16.52 24.09
C ASP E 27 39.64 -17.52 24.92
N ASN E 30 36.26 -19.28 26.47
CA ASN E 30 34.81 -19.16 26.32
C ASN E 30 34.29 -19.52 24.93
N GLU E 31 33.08 -20.11 24.90
CA GLU E 31 32.26 -20.31 23.73
C GLU E 31 31.40 -19.10 23.44
N HIS E 32 31.25 -18.80 22.16
CA HIS E 32 30.61 -17.57 21.67
C HIS E 32 29.57 -17.98 20.67
N GLN E 33 28.37 -17.41 20.79
CA GLN E 33 27.41 -17.50 19.75
C GLN E 33 26.80 -16.12 19.53
N LEU E 34 26.50 -15.84 18.27
CA LEU E 34 25.82 -14.62 17.88
C LEU E 34 24.36 -14.95 17.69
N SER E 35 23.43 -14.29 18.42
CA SER E 35 21.99 -14.50 18.24
C SER E 35 21.34 -13.26 17.54
N LEU E 36 21.00 -13.40 16.28
CA LEU E 36 20.41 -12.27 15.57
C LEU E 36 18.97 -12.04 15.89
N ARG E 37 18.62 -10.73 16.09
CA ARG E 37 17.33 -10.34 16.51
C ARG E 37 16.52 -9.58 15.49
N THR E 38 17.08 -8.53 14.90
CA THR E 38 16.31 -7.74 13.86
C THR E 38 17.21 -7.34 12.72
N VAL E 39 16.61 -7.19 11.53
CA VAL E 39 17.20 -6.52 10.46
C VAL E 39 16.29 -5.36 10.11
N SER E 40 16.86 -4.16 9.94
CA SER E 40 16.01 -2.97 9.69
C SER E 40 16.69 -1.98 8.77
N LEU E 41 15.87 -1.20 8.08
CA LEU E 41 16.33 -0.27 7.11
C LEU E 41 16.38 1.09 7.67
N GLY E 42 17.39 1.82 7.20
CA GLY E 42 17.65 3.10 7.85
C GLY E 42 16.84 4.12 7.13
N ALA E 43 16.76 5.30 7.73
CA ALA E 43 15.81 6.31 7.24
C ALA E 43 16.07 6.74 5.83
N SER E 44 17.32 6.71 5.42
CA SER E 44 17.77 7.25 4.17
C SER E 44 17.93 6.18 3.09
N ALA E 45 17.57 4.92 3.38
CA ALA E 45 17.66 3.87 2.41
C ALA E 45 16.70 4.12 1.27
N LYS E 46 17.15 3.83 0.06
CA LYS E 46 16.30 3.96 -1.11
C LYS E 46 15.13 3.02 -1.08
N ASP E 47 14.02 3.51 -1.63
CA ASP E 47 12.85 2.65 -1.80
C ASP E 47 13.02 1.52 -2.83
N GLU E 48 13.76 0.47 -2.45
CA GLU E 48 14.02 -0.69 -3.28
C GLU E 48 14.23 -1.94 -2.41
N LEU E 49 14.31 -3.12 -3.00
CA LEU E 49 14.62 -4.33 -2.17
C LEU E 49 16.07 -4.32 -1.70
N HIS E 50 16.26 -4.69 -0.44
CA HIS E 50 17.56 -4.81 0.15
C HIS E 50 17.56 -6.26 0.62
N VAL E 51 18.64 -6.95 0.29
CA VAL E 51 18.77 -8.34 0.63
C VAL E 51 20.01 -8.48 1.47
N VAL E 52 19.84 -9.11 2.63
CA VAL E 52 20.96 -9.38 3.53
C VAL E 52 21.18 -10.88 3.64
N GLU E 53 22.43 -11.26 3.55
CA GLU E 53 22.84 -12.64 3.55
C GLU E 53 23.91 -12.90 4.57
N ALA E 54 24.04 -14.19 4.95
CA ALA E 54 25.00 -14.62 5.96
C ALA E 54 25.85 -15.61 5.25
N GLU E 55 27.14 -15.64 5.55
CA GLU E 55 28.08 -16.58 4.92
C GLU E 55 28.95 -17.26 6.03
N GLY E 56 28.90 -18.58 6.09
CA GLY E 56 29.54 -19.34 7.11
C GLY E 56 29.40 -20.78 6.78
N ILE E 57 29.85 -21.61 7.70
CA ILE E 57 29.94 -23.02 7.37
C ILE E 57 28.66 -23.87 7.62
N ASN E 58 28.44 -24.84 6.71
CA ASN E 58 27.38 -25.81 6.85
C ASN E 58 27.92 -27.05 7.55
N TYR E 59 27.05 -28.02 7.73
CA TYR E 59 27.33 -29.11 8.65
C TYR E 59 28.36 -30.07 8.14
N GLU E 60 28.63 -30.01 6.84
CA GLU E 60 29.70 -30.77 6.21
C GLU E 60 31.06 -30.01 6.11
N GLY E 61 31.13 -28.77 6.61
CA GLY E 61 32.33 -27.95 6.51
C GLY E 61 32.50 -27.09 5.26
N LYS E 62 31.44 -26.95 4.43
CA LYS E 62 31.50 -26.19 3.24
C LYS E 62 30.89 -24.82 3.51
N THR E 63 31.46 -23.78 2.89
CA THR E 63 31.06 -22.37 3.09
C THR E 63 29.85 -22.10 2.20
N ILE E 64 28.71 -21.71 2.80
CA ILE E 64 27.54 -21.43 2.06
C ILE E 64 27.10 -19.98 2.35
N LYS E 65 26.22 -19.48 1.52
CA LYS E 65 25.62 -18.21 1.75
C LYS E 65 24.09 -18.49 1.80
N ILE E 66 23.46 -17.87 2.80
CA ILE E 66 22.03 -18.02 3.08
C ILE E 66 21.41 -16.62 3.14
N ALA E 67 20.19 -16.49 2.66
CA ALA E 67 19.48 -15.23 2.67
C ALA E 67 18.75 -15.09 4.00
N LEU E 68 19.11 -14.03 4.77
CA LEU E 68 18.49 -13.79 6.06
C LEU E 68 17.18 -13.04 5.86
N ALA E 69 17.20 -12.07 4.98
CA ALA E 69 15.99 -11.21 4.85
C ALA E 69 16.02 -10.38 3.59
N SER E 70 14.82 -10.13 3.08
CA SER E 70 14.51 -9.16 2.02
C SER E 70 13.59 -8.07 2.63
N LEU E 71 13.99 -6.81 2.53
CA LEU E 71 13.27 -5.69 3.09
C LEU E 71 13.18 -4.56 2.08
N LYS E 72 12.20 -3.72 2.27
CA LYS E 72 11.93 -2.57 1.39
C LYS E 72 11.15 -1.52 2.20
N PRO E 73 11.61 -0.29 2.18
CA PRO E 73 11.14 0.76 3.11
C PRO E 73 9.65 1.02 3.06
N SER E 74 9.02 0.80 1.88
CA SER E 74 7.61 1.12 1.73
C SER E 74 6.79 -0.12 1.83
N VAL E 75 7.41 -1.29 2.14
CA VAL E 75 6.60 -2.53 2.27
C VAL E 75 6.85 -3.25 3.61
N GLN E 76 8.13 -3.44 3.94
CA GLN E 76 8.59 -4.16 5.16
C GLN E 76 9.97 -3.66 5.54
N PRO E 77 10.03 -2.56 6.30
CA PRO E 77 11.30 -1.98 6.70
C PRO E 77 12.03 -2.77 7.82
N THR E 78 11.35 -3.61 8.58
CA THR E 78 11.97 -4.45 9.58
C THR E 78 11.50 -5.89 9.55
N VAL E 79 12.42 -6.84 9.92
CA VAL E 79 12.17 -8.23 10.08
C VAL E 79 12.80 -8.61 11.39
N SER E 80 12.07 -9.33 12.23
CA SER E 80 12.56 -9.83 13.48
C SER E 80 12.91 -11.26 13.24
N LEU E 81 14.17 -11.63 13.50
CA LEU E 81 14.68 -13.01 13.34
C LEU E 81 14.42 -13.92 14.57
N GLY E 82 14.15 -13.33 15.76
CA GLY E 82 13.66 -14.12 16.85
C GLY E 82 14.76 -14.90 17.56
N GLY E 83 15.98 -14.50 17.35
CA GLY E 83 17.11 -15.16 17.96
C GLY E 83 17.64 -16.27 17.09
N PHE E 84 18.06 -15.93 15.90
CA PHE E 84 18.77 -16.84 14.96
C PHE E 84 20.21 -16.96 15.51
N GLU E 85 20.51 -18.10 16.15
CA GLU E 85 21.83 -18.40 16.72
C GLU E 85 22.76 -18.87 15.62
N ILE E 86 23.93 -18.27 15.59
CA ILE E 86 24.96 -18.54 14.65
C ILE E 86 26.32 -18.77 15.36
N THR E 87 27.06 -19.75 14.90
CA THR E 87 28.38 -20.03 15.43
C THR E 87 29.45 -19.24 14.65
N PRO E 88 30.23 -18.44 15.33
CA PRO E 88 31.42 -17.76 14.80
C PRO E 88 32.38 -18.67 14.01
N PRO E 89 33.09 -18.24 12.96
CA PRO E 89 32.93 -16.94 12.31
C PRO E 89 31.78 -16.89 11.27
N VAL E 90 31.23 -15.71 11.10
CA VAL E 90 30.22 -15.46 10.04
C VAL E 90 30.36 -14.10 9.35
N ILE E 91 30.17 -14.05 8.06
CA ILE E 91 30.11 -12.78 7.39
C ILE E 91 28.66 -12.37 7.16
N LEU E 92 28.31 -11.12 7.46
CA LEU E 92 27.03 -10.61 7.08
C LEU E 92 27.22 -9.69 5.90
N ARG E 93 26.40 -9.78 4.86
CA ARG E 93 26.57 -8.97 3.71
C ARG E 93 25.31 -8.45 3.06
N LEU E 94 25.40 -7.25 2.55
CA LEU E 94 24.34 -6.59 1.82
C LEU E 94 24.42 -6.98 0.35
N LYS E 95 23.72 -8.03 -0.04
CA LYS E 95 23.84 -8.53 -1.42
C LYS E 95 23.28 -7.54 -2.41
N SER E 96 22.17 -6.88 -2.07
CA SER E 96 21.59 -5.84 -2.89
C SER E 96 20.86 -4.83 -2.08
N GLY E 97 20.68 -3.64 -2.67
CA GLY E 97 20.13 -2.48 -2.06
C GLY E 97 21.14 -1.41 -1.67
N SER E 98 20.72 -0.18 -1.62
CA SER E 98 21.56 0.97 -1.19
C SER E 98 22.03 0.91 0.29
N GLY E 99 21.16 0.44 1.18
CA GLY E 99 21.45 0.57 2.58
C GLY E 99 21.21 2.01 2.95
N PRO E 100 21.46 2.38 4.19
CA PRO E 100 22.00 1.48 5.22
C PRO E 100 20.98 0.50 5.66
N VAL E 101 21.48 -0.68 5.98
CA VAL E 101 20.71 -1.69 6.72
C VAL E 101 21.39 -2.05 8.00
N TYR E 102 20.62 -2.19 9.06
CA TYR E 102 21.15 -2.54 10.38
C TYR E 102 20.81 -3.97 10.72
N VAL E 103 21.77 -4.66 11.33
CA VAL E 103 21.48 -5.96 11.91
C VAL E 103 21.77 -5.84 13.44
N SER E 104 20.87 -6.32 14.31
CA SER E 104 21.02 -6.26 15.76
C SER E 104 20.82 -7.60 16.40
N GLY E 105 21.38 -7.78 17.58
CA GLY E 105 21.33 -9.04 18.26
C GLY E 105 22.17 -9.04 19.51
N GLN E 106 22.43 -10.25 20.00
CA GLN E 106 23.12 -10.49 21.23
C GLN E 106 24.37 -11.24 20.83
N HIS E 107 25.47 -10.93 21.52
CA HIS E 107 26.59 -11.79 21.54
C HIS E 107 26.62 -12.49 22.95
N LEU E 108 26.44 -13.81 22.91
CA LEU E 108 26.27 -14.67 24.10
C LEU E 108 27.61 -15.27 24.34
N VAL E 109 28.06 -15.30 25.59
CA VAL E 109 29.36 -15.92 25.89
C VAL E 109 29.22 -16.83 27.10
N ALA E 110 29.83 -18.01 26.99
CA ALA E 110 29.72 -18.98 28.05
C ALA E 110 31.07 -19.57 28.36
N GLY F 4 -12.19 39.13 -25.32
CA GLY F 4 -13.59 38.62 -25.11
C GLY F 4 -13.76 37.59 -24.01
N SER F 5 -12.63 36.97 -23.65
CA SER F 5 -12.52 35.92 -22.62
C SER F 5 -11.33 36.08 -21.66
N GLN F 6 -11.47 35.75 -20.35
CA GLN F 6 -10.35 35.83 -19.39
C GLN F 6 -10.35 34.59 -18.40
N ASN F 7 -9.15 34.39 -17.87
CA ASN F 7 -8.83 33.24 -17.05
C ASN F 7 -7.87 33.71 -15.97
N PHE F 8 -8.24 33.68 -14.68
CA PHE F 8 -7.42 34.09 -13.56
C PHE F 8 -7.18 32.88 -12.66
N LEU F 9 -6.05 32.89 -11.99
CA LEU F 9 -5.78 31.84 -10.99
C LEU F 9 -6.75 31.95 -9.88
N PHE F 10 -7.10 30.80 -9.30
CA PHE F 10 -7.94 30.72 -8.19
C PHE F 10 -7.44 29.68 -7.20
N GLY F 11 -7.51 30.01 -5.96
CA GLY F 11 -7.17 28.97 -4.94
C GLY F 11 -7.77 29.24 -3.62
N CYS F 12 -7.95 28.20 -2.81
CA CYS F 12 -8.33 28.43 -1.41
C CYS F 12 -7.81 27.31 -0.53
N GLU F 13 -7.74 27.61 0.75
CA GLU F 13 -7.36 26.65 1.76
C GLU F 13 -8.51 26.47 2.71
N LEU F 14 -8.79 25.22 3.03
CA LEU F 14 -9.86 24.85 3.99
C LEU F 14 -9.18 24.06 5.14
N LYS F 15 -9.47 24.46 6.38
CA LYS F 15 -8.86 23.77 7.51
C LYS F 15 -9.74 23.97 8.75
N ALA F 16 -9.23 23.42 9.82
CA ALA F 16 -10.05 23.18 10.99
C ALA F 16 -10.65 24.47 11.51
N ASP F 17 -9.94 25.61 11.48
CA ASP F 17 -10.51 26.93 11.89
C ASP F 17 -11.15 27.79 10.79
N LYS F 18 -11.17 27.22 9.58
CA LYS F 18 -11.73 27.89 8.46
C LYS F 18 -12.12 26.82 7.45
N LYS F 19 -13.30 26.22 7.70
CA LYS F 19 -13.75 25.06 6.91
C LYS F 19 -14.39 25.43 5.58
N GLU F 20 -14.77 26.71 5.41
CA GLU F 20 -15.47 27.15 4.24
C GLU F 20 -14.76 28.27 3.46
N TYR F 21 -14.97 28.23 2.15
CA TYR F 21 -14.61 29.35 1.26
C TYR F 21 -15.87 29.64 0.46
N SER F 22 -16.30 30.91 0.40
CA SER F 22 -17.46 31.31 -0.39
C SER F 22 -17.07 32.05 -1.67
N PHE F 23 -17.30 31.40 -2.81
CA PHE F 23 -17.11 32.02 -4.09
C PHE F 23 -18.40 32.78 -4.55
N LYS F 24 -18.29 34.12 -4.64
CA LYS F 24 -19.38 34.93 -5.20
C LYS F 24 -18.80 35.96 -6.08
N VAL F 25 -19.58 36.52 -6.97
CA VAL F 25 -19.07 37.56 -7.89
C VAL F 25 -20.04 38.71 -7.77
N GLU F 26 -19.54 39.94 -7.68
CA GLU F 26 -20.37 41.18 -7.32
C GLU F 26 -20.57 42.02 -8.55
N ASP F 28 -21.64 41.70 -11.87
CA ASP F 28 -20.50 42.23 -12.65
C ASP F 28 -20.74 41.61 -13.98
N GLU F 29 -21.82 42.13 -14.62
CA GLU F 29 -22.64 41.23 -15.44
C GLU F 29 -22.21 40.75 -16.84
N ASN F 30 -21.17 39.99 -16.63
CA ASN F 30 -20.56 39.05 -17.52
C ASN F 30 -20.84 37.65 -16.95
N GLU F 31 -20.40 36.63 -17.68
CA GLU F 31 -20.57 35.21 -17.28
C GLU F 31 -19.32 34.85 -16.50
N HIS F 32 -19.46 34.42 -15.24
CA HIS F 32 -18.30 34.04 -14.45
C HIS F 32 -18.43 32.59 -14.11
N GLN F 33 -17.33 31.86 -14.15
CA GLN F 33 -17.31 30.46 -13.72
C GLN F 33 -16.12 30.26 -12.81
N LEU F 34 -16.27 29.40 -11.80
CA LEU F 34 -15.20 28.84 -11.11
C LEU F 34 -14.94 27.45 -11.75
N SER F 35 -13.75 27.24 -12.31
CA SER F 35 -13.40 25.96 -12.83
C SER F 35 -12.41 25.31 -11.86
N LEU F 36 -12.80 24.20 -11.24
CA LEU F 36 -11.91 23.57 -10.30
C LEU F 36 -11.00 22.59 -11.03
N ARG F 37 -9.74 22.68 -10.69
CA ARG F 37 -8.71 21.90 -11.29
C ARG F 37 -8.14 20.83 -10.36
N THR F 38 -7.67 21.14 -9.17
CA THR F 38 -7.22 20.10 -8.20
C THR F 38 -7.71 20.32 -6.79
N VAL F 39 -7.81 19.20 -6.04
CA VAL F 39 -8.03 19.27 -4.60
C VAL F 39 -6.82 18.45 -4.06
N SER F 40 -6.13 18.97 -3.05
CA SER F 40 -4.96 18.33 -2.50
C SER F 40 -4.78 18.53 -1.02
N LEU F 41 -4.14 17.56 -0.37
CA LEU F 41 -3.99 17.57 1.10
C LEU F 41 -2.61 18.18 1.45
N GLY F 42 -2.62 19.06 2.43
CA GLY F 42 -1.38 19.67 2.88
C GLY F 42 -0.52 18.71 3.61
N ALA F 43 0.72 19.11 3.78
CA ALA F 43 1.71 18.14 4.28
C ALA F 43 1.45 17.47 5.66
N SER F 44 0.85 18.32 6.53
CA SER F 44 0.56 18.09 7.96
C SER F 44 -0.82 17.49 8.23
N ALA F 45 -1.60 17.24 7.16
CA ALA F 45 -2.90 16.58 7.29
C ALA F 45 -2.81 15.27 8.00
N LYS F 46 -3.77 14.98 8.85
CA LYS F 46 -3.86 13.67 9.51
C LYS F 46 -4.16 12.62 8.46
N ASP F 47 -3.55 11.45 8.65
CA ASP F 47 -3.78 10.34 7.71
C ASP F 47 -5.12 9.69 7.97
N GLU F 48 -6.20 10.32 7.47
CA GLU F 48 -7.59 9.87 7.56
C GLU F 48 -8.29 10.36 6.28
N LEU F 49 -9.47 9.85 5.97
CA LEU F 49 -10.24 10.41 4.84
C LEU F 49 -10.57 11.87 5.10
N HIS F 50 -10.48 12.63 4.02
CA HIS F 50 -10.90 13.99 3.88
C HIS F 50 -11.96 14.11 2.79
N VAL F 51 -13.07 14.80 3.11
CA VAL F 51 -14.16 15.01 2.15
C VAL F 51 -14.38 16.47 1.96
N VAL F 52 -14.28 16.90 0.72
CA VAL F 52 -14.57 18.27 0.32
C VAL F 52 -15.85 18.23 -0.52
N GLU F 53 -16.74 19.15 -0.19
CA GLU F 53 -18.09 19.29 -0.76
C GLU F 53 -18.36 20.73 -1.24
N ALA F 54 -19.28 20.88 -2.19
CA ALA F 54 -19.63 22.14 -2.78
C ALA F 54 -21.13 22.24 -2.50
N GLU F 55 -21.54 23.47 -2.23
CA GLU F 55 -22.92 23.77 -1.91
C GLU F 55 -23.40 24.91 -2.84
N GLY F 56 -24.44 24.64 -3.58
CA GLY F 56 -25.00 25.62 -4.53
C GLY F 56 -26.30 25.21 -5.19
N ILE F 57 -26.72 25.96 -6.22
CA ILE F 57 -28.04 25.81 -6.75
C ILE F 57 -28.06 24.79 -7.86
N ASN F 58 -29.07 23.93 -7.77
CA ASN F 58 -29.37 22.97 -8.81
C ASN F 58 -30.35 23.50 -9.89
N TYR F 59 -30.60 22.69 -10.89
CA TYR F 59 -31.43 23.03 -12.02
C TYR F 59 -32.83 23.50 -11.54
N GLU F 60 -33.30 22.95 -10.44
CA GLU F 60 -34.68 23.11 -9.90
C GLU F 60 -34.71 24.18 -8.87
N GLY F 61 -33.58 24.87 -8.71
CA GLY F 61 -33.45 25.91 -7.67
C GLY F 61 -33.24 25.48 -6.21
N LYS F 62 -33.04 24.20 -5.93
CA LYS F 62 -32.88 23.74 -4.56
C LYS F 62 -31.39 23.87 -4.24
N THR F 63 -31.06 24.35 -3.05
CA THR F 63 -29.63 24.39 -2.61
C THR F 63 -29.26 22.97 -2.29
N ILE F 64 -28.21 22.45 -2.92
CA ILE F 64 -27.78 21.07 -2.65
C ILE F 64 -26.30 21.11 -2.23
N LYS F 65 -25.90 20.07 -1.55
CA LYS F 65 -24.50 19.80 -1.22
C LYS F 65 -24.09 18.55 -2.04
N ILE F 66 -22.93 18.62 -2.65
CA ILE F 66 -22.39 17.52 -3.41
C ILE F 66 -20.95 17.24 -3.04
N ALA F 67 -20.58 15.97 -2.92
CA ALA F 67 -19.20 15.64 -2.51
C ALA F 67 -18.34 15.71 -3.75
N LEU F 68 -17.29 16.52 -3.76
CA LEU F 68 -16.44 16.63 -4.94
C LEU F 68 -15.34 15.58 -4.83
N ALA F 69 -14.80 15.40 -3.60
CA ALA F 69 -13.61 14.47 -3.51
C ALA F 69 -13.40 13.97 -2.17
N SER F 70 -12.84 12.75 -2.10
CA SER F 70 -12.46 12.09 -0.86
C SER F 70 -11.02 11.78 -1.05
N LEU F 71 -10.18 12.27 -0.13
CA LEU F 71 -8.70 12.17 -0.26
C LEU F 71 -8.12 11.62 1.02
N LYS F 72 -7.02 10.89 0.92
CA LYS F 72 -6.30 10.40 2.07
C LYS F 72 -4.81 10.48 1.85
N PRO F 73 -4.01 11.00 2.79
CA PRO F 73 -2.62 11.24 2.53
C PRO F 73 -1.81 9.98 2.16
N SER F 74 -2.16 8.83 2.68
CA SER F 74 -1.37 7.61 2.38
C SER F 74 -1.97 6.77 1.24
N VAL F 75 -3.00 7.27 0.58
CA VAL F 75 -3.66 6.56 -0.47
C VAL F 75 -3.84 7.38 -1.75
N GLN F 76 -4.36 8.61 -1.56
CA GLN F 76 -4.71 9.49 -2.71
C GLN F 76 -4.68 10.95 -2.17
N PRO F 77 -3.47 11.55 -2.08
CA PRO F 77 -3.37 12.95 -1.61
C PRO F 77 -3.85 14.10 -2.54
N THR F 78 -3.96 13.82 -3.80
CA THR F 78 -4.48 14.78 -4.79
C THR F 78 -5.49 14.15 -5.74
N VAL F 79 -6.55 14.91 -6.03
CA VAL F 79 -7.44 14.50 -7.12
C VAL F 79 -7.51 15.62 -8.13
N SER F 80 -7.32 15.30 -9.39
CA SER F 80 -7.50 16.28 -10.42
C SER F 80 -8.89 16.21 -10.95
N LEU F 81 -9.57 17.38 -10.97
CA LEU F 81 -10.97 17.45 -11.43
C LEU F 81 -11.20 17.84 -12.90
N GLY F 82 -10.13 18.26 -13.57
CA GLY F 82 -10.17 18.42 -15.00
C GLY F 82 -10.93 19.63 -15.41
N GLY F 83 -11.09 20.62 -14.54
CA GLY F 83 -11.91 21.75 -14.99
C GLY F 83 -13.42 21.57 -14.74
N PHE F 84 -13.80 21.40 -13.51
CA PHE F 84 -15.22 21.22 -13.14
C PHE F 84 -15.74 22.66 -12.94
N GLU F 85 -16.48 23.15 -13.93
CA GLU F 85 -17.03 24.51 -13.89
C GLU F 85 -18.30 24.64 -13.04
N ILE F 86 -18.33 25.65 -12.18
CA ILE F 86 -19.50 25.87 -11.30
C ILE F 86 -19.87 27.35 -11.38
N THR F 87 -21.19 27.62 -11.49
CA THR F 87 -21.68 29.00 -11.63
C THR F 87 -21.81 29.47 -10.18
N PRO F 88 -21.38 30.69 -9.88
CA PRO F 88 -21.50 31.29 -8.56
C PRO F 88 -22.96 31.62 -8.23
N PRO F 89 -23.33 31.73 -6.97
CA PRO F 89 -22.45 31.52 -5.81
C PRO F 89 -22.28 30.06 -5.48
N VAL F 90 -21.11 29.68 -4.97
CA VAL F 90 -20.89 28.35 -4.45
C VAL F 90 -20.04 28.41 -3.17
N ILE F 91 -20.28 27.53 -2.20
CA ILE F 91 -19.43 27.34 -1.03
C ILE F 91 -18.67 26.02 -1.20
N LEU F 92 -17.36 26.08 -0.98
CA LEU F 92 -16.58 24.87 -0.86
C LEU F 92 -16.32 24.64 0.64
N ARG F 93 -16.44 23.40 1.08
CA ARG F 93 -16.39 23.10 2.51
C ARG F 93 -15.61 21.85 2.83
N LEU F 94 -14.80 21.91 3.88
CA LEU F 94 -14.18 20.70 4.45
C LEU F 94 -15.20 20.03 5.37
N LYS F 95 -15.78 19.00 4.84
CA LYS F 95 -16.84 18.27 5.51
C LYS F 95 -16.25 17.42 6.62
N SER F 96 -15.15 16.71 6.34
CA SER F 96 -14.47 15.92 7.34
C SER F 96 -13.02 15.77 6.98
N GLY F 97 -12.26 15.45 8.01
CA GLY F 97 -10.83 15.39 7.94
C GLY F 97 -10.23 16.56 8.64
N SER F 98 -9.05 16.37 9.22
CA SER F 98 -8.33 17.50 9.91
C SER F 98 -8.02 18.72 9.02
N GLY F 99 -7.74 18.45 7.73
CA GLY F 99 -7.04 19.42 6.92
C GLY F 99 -5.58 19.70 7.27
N PRO F 100 -4.92 20.66 6.62
CA PRO F 100 -5.57 21.54 5.64
C PRO F 100 -5.72 20.84 4.28
N VAL F 101 -6.67 21.32 3.50
CA VAL F 101 -6.97 20.80 2.18
C VAL F 101 -6.93 22.02 1.30
N TYR F 102 -6.47 21.86 0.09
CA TYR F 102 -6.32 22.99 -0.81
C TYR F 102 -7.18 22.74 -2.06
N VAL F 103 -7.72 23.81 -2.63
CA VAL F 103 -8.35 23.65 -3.90
C VAL F 103 -7.60 24.64 -4.86
N SER F 104 -7.30 24.19 -6.09
CA SER F 104 -6.83 25.05 -7.14
C SER F 104 -7.85 25.12 -8.30
N GLY F 105 -7.78 26.26 -9.03
CA GLY F 105 -8.54 26.31 -10.27
C GLY F 105 -8.45 27.66 -10.93
N GLN F 106 -9.47 28.00 -11.71
CA GLN F 106 -9.53 29.20 -12.47
C GLN F 106 -10.81 29.94 -12.23
N HIS F 107 -10.76 31.27 -12.26
CA HIS F 107 -11.96 32.09 -12.26
C HIS F 107 -12.03 32.63 -13.70
N LEU F 108 -13.03 32.16 -14.44
CA LEU F 108 -13.12 32.47 -15.84
C LEU F 108 -14.24 33.54 -15.97
N VAL F 109 -14.02 34.43 -16.93
CA VAL F 109 -14.99 35.51 -17.22
C VAL F 109 -15.15 35.56 -18.75
N ALA F 110 -16.38 35.65 -19.22
CA ALA F 110 -16.65 35.89 -20.64
C ALA F 110 -17.81 36.90 -20.73
N LEU F 111 -17.87 37.62 -21.84
CA LEU F 111 -19.05 38.40 -22.19
C LEU F 111 -20.23 37.54 -22.45
N GLU F 112 -21.39 38.00 -21.98
CA GLU F 112 -22.64 37.28 -22.17
C GLU F 112 -23.14 37.28 -23.60
N SER G 5 -3.04 29.04 -34.23
CA SER G 5 -2.12 29.14 -33.03
C SER G 5 -0.70 28.62 -33.30
N GLN G 6 0.10 28.47 -32.23
CA GLN G 6 1.28 27.58 -32.12
C GLN G 6 1.31 26.84 -30.75
N ASN G 7 1.97 25.69 -30.76
CA ASN G 7 2.01 24.77 -29.63
C ASN G 7 3.40 24.20 -29.48
N PHE G 8 4.05 24.58 -28.39
CA PHE G 8 5.40 24.11 -28.06
C PHE G 8 5.36 23.33 -26.78
N LEU G 9 6.33 22.45 -26.66
CA LEU G 9 6.61 21.75 -25.41
C LEU G 9 7.04 22.70 -24.29
N PHE G 10 6.59 22.43 -23.06
CA PHE G 10 7.02 23.18 -21.88
C PHE G 10 7.45 22.21 -20.84
N GLY G 11 8.52 22.53 -20.15
CA GLY G 11 8.91 21.71 -19.00
C GLY G 11 9.73 22.49 -18.01
N CYS G 12 9.75 22.06 -16.78
CA CYS G 12 10.69 22.59 -15.83
C CYS G 12 10.94 21.59 -14.71
N GLU G 13 12.08 21.75 -14.03
CA GLU G 13 12.49 20.88 -12.98
C GLU G 13 12.58 21.81 -11.75
N LEU G 14 12.01 21.42 -10.67
CA LEU G 14 12.07 22.21 -9.39
C LEU G 14 12.80 21.29 -8.42
N LYS G 15 13.81 21.81 -7.74
CA LYS G 15 14.59 20.97 -6.82
C LYS G 15 15.20 21.86 -5.75
N ALA G 16 16.02 21.27 -4.88
CA ALA G 16 16.42 21.98 -3.72
C ALA G 16 17.23 23.23 -3.98
N ASP G 17 18.10 23.23 -5.00
CA ASP G 17 18.87 24.45 -5.31
C ASP G 17 18.16 25.41 -6.33
N LYS G 18 17.08 24.90 -6.85
CA LYS G 18 16.33 25.66 -7.85
C LYS G 18 14.82 25.43 -7.60
N LYS G 19 14.29 26.10 -6.60
CA LYS G 19 12.92 25.84 -6.14
C LYS G 19 11.83 26.41 -6.97
N GLU G 20 12.18 27.35 -7.83
CA GLU G 20 11.19 28.11 -8.59
C GLU G 20 11.50 28.12 -10.05
N TYR G 21 10.44 28.26 -10.82
CA TYR G 21 10.48 28.43 -12.26
C TYR G 21 9.55 29.63 -12.54
N SER G 22 10.07 30.68 -13.16
CA SER G 22 9.32 31.87 -13.49
C SER G 22 8.90 31.90 -15.00
N PHE G 23 7.59 31.77 -15.21
CA PHE G 23 7.01 31.93 -16.50
C PHE G 23 6.63 33.37 -16.72
N LYS G 24 7.40 34.03 -17.57
CA LYS G 24 6.96 35.31 -18.02
C LYS G 24 7.14 35.39 -19.51
N VAL G 25 6.28 36.21 -20.09
CA VAL G 25 6.20 36.46 -21.48
C VAL G 25 6.43 37.96 -21.78
N GLU G 26 6.27 38.31 -23.06
CA GLU G 26 6.25 39.72 -23.56
C GLU G 26 5.14 40.10 -24.60
N ASP G 27 5.47 41.14 -25.38
CA ASP G 27 4.57 41.80 -26.36
C ASP G 27 4.41 41.02 -27.70
N ASP G 28 5.51 40.38 -28.11
CA ASP G 28 5.59 39.29 -29.10
C ASP G 28 5.43 38.00 -28.33
N ASN G 30 2.17 38.52 -29.35
CA ASN G 30 0.87 37.77 -29.34
C ASN G 30 0.53 37.38 -27.89
N GLU G 31 -0.59 36.66 -27.66
CA GLU G 31 -0.95 36.16 -26.31
C GLU G 31 -0.29 34.78 -26.02
N HIS G 32 0.21 34.64 -24.78
CA HIS G 32 0.89 33.44 -24.36
C HIS G 32 0.07 32.78 -23.28
N GLN G 33 0.25 31.47 -23.19
CA GLN G 33 -0.51 30.72 -22.20
C GLN G 33 0.31 29.46 -21.98
N LEU G 34 0.45 29.04 -20.74
CA LEU G 34 0.91 27.73 -20.39
C LEU G 34 -0.31 26.85 -20.13
N SER G 35 -0.22 25.61 -20.55
CA SER G 35 -1.19 24.62 -20.25
C SER G 35 -0.41 23.50 -19.58
N LEU G 36 -0.65 23.33 -18.27
CA LEU G 36 0.06 22.36 -17.46
C LEU G 36 -0.59 21.04 -17.55
N ARG G 37 0.27 20.03 -17.78
CA ARG G 37 -0.21 18.71 -18.03
C ARG G 37 0.11 17.77 -16.91
N THR G 38 1.36 17.49 -16.58
CA THR G 38 1.64 16.58 -15.45
C THR G 38 2.62 17.18 -14.52
N VAL G 39 2.53 16.77 -13.23
CA VAL G 39 3.55 17.04 -12.25
C VAL G 39 4.05 15.66 -11.79
N SER G 40 5.37 15.44 -11.75
CA SER G 40 5.86 14.08 -11.42
C SER G 40 7.14 14.12 -10.58
N LEU G 41 7.38 13.11 -9.80
CA LEU G 41 8.49 13.08 -8.94
C LEU G 41 9.65 12.32 -9.61
N GLY G 42 10.83 12.90 -9.46
CA GLY G 42 12.02 12.25 -9.96
C GLY G 42 12.45 11.03 -9.17
N ALA G 43 13.38 10.25 -9.72
CA ALA G 43 13.60 8.92 -9.12
C ALA G 43 14.30 8.99 -7.71
N SER G 44 15.06 10.07 -7.49
CA SER G 44 15.83 10.26 -6.31
C SER G 44 15.03 11.03 -5.23
N ALA G 45 13.81 11.41 -5.56
CA ALA G 45 13.02 12.13 -4.52
C ALA G 45 12.79 11.35 -3.21
N LYS G 46 13.02 12.00 -2.07
CA LYS G 46 12.70 11.43 -0.77
C LYS G 46 11.25 10.98 -0.71
N ASP G 47 11.00 9.87 -0.02
CA ASP G 47 9.64 9.28 0.03
C ASP G 47 8.93 10.05 1.08
N GLU G 48 8.45 11.24 0.69
CA GLU G 48 7.74 12.11 1.59
C GLU G 48 6.82 12.96 0.73
N LEU G 49 5.86 13.65 1.35
CA LEU G 49 4.97 14.46 0.52
C LEU G 49 5.68 15.69 -0.03
N HIS G 50 5.45 15.97 -1.34
CA HIS G 50 5.98 17.12 -2.10
C HIS G 50 4.77 17.96 -2.50
N VAL G 51 4.84 19.26 -2.27
CA VAL G 51 3.84 20.22 -2.69
C VAL G 51 4.36 21.19 -3.73
N VAL G 52 3.66 21.34 -4.84
CA VAL G 52 4.06 22.26 -5.88
C VAL G 52 2.96 23.29 -5.92
N GLU G 53 3.33 24.57 -5.83
CA GLU G 53 2.37 25.62 -5.88
C GLU G 53 2.67 26.57 -7.07
N ALA G 54 1.64 27.37 -7.42
CA ALA G 54 1.75 28.39 -8.42
C ALA G 54 1.41 29.75 -7.75
N GLU G 55 2.10 30.80 -8.15
CA GLU G 55 1.92 32.16 -7.61
C GLU G 55 1.64 33.10 -8.78
N GLY G 56 0.51 33.74 -8.74
CA GLY G 56 0.16 34.70 -9.77
C GLY G 56 -0.99 35.54 -9.30
N ILE G 57 -1.55 36.31 -10.23
CA ILE G 57 -2.52 37.33 -9.87
C ILE G 57 -3.99 36.79 -10.02
N ASN G 58 -4.86 37.11 -9.09
CA ASN G 58 -6.20 36.61 -9.18
C ASN G 58 -7.18 37.66 -9.79
N TYR G 59 -8.48 37.36 -9.81
CA TYR G 59 -9.45 38.19 -10.49
C TYR G 59 -9.48 39.61 -9.91
N GLU G 60 -9.16 39.72 -8.61
CA GLU G 60 -9.18 41.00 -7.91
C GLU G 60 -7.82 41.73 -7.90
N GLY G 61 -6.83 41.21 -8.63
CA GLY G 61 -5.54 41.87 -8.76
C GLY G 61 -4.66 41.61 -7.56
N LYS G 62 -4.89 40.53 -6.84
CA LYS G 62 -3.98 40.17 -5.77
C LYS G 62 -3.09 39.04 -6.19
N THR G 63 -1.84 39.08 -5.74
CA THR G 63 -0.86 37.95 -5.91
C THR G 63 -1.29 36.93 -4.86
N ILE G 64 -1.56 35.68 -5.31
CA ILE G 64 -1.94 34.59 -4.45
C ILE G 64 -1.06 33.44 -4.84
N LYS G 65 -0.99 32.52 -3.90
CA LYS G 65 -0.26 31.25 -4.05
C LYS G 65 -1.31 30.14 -3.96
N ILE G 66 -1.35 29.25 -4.97
CA ILE G 66 -2.34 28.16 -4.97
C ILE G 66 -1.56 26.80 -4.98
N ALA G 67 -2.08 25.78 -4.31
CA ALA G 67 -1.46 24.45 -4.37
C ALA G 67 -1.94 23.73 -5.56
N LEU G 68 -1.01 23.35 -6.40
CA LEU G 68 -1.41 22.61 -7.63
C LEU G 68 -1.55 21.11 -7.32
N ALA G 69 -0.56 20.57 -6.60
CA ALA G 69 -0.56 19.14 -6.34
C ALA G 69 0.28 18.74 -5.12
N SER G 70 -0.19 17.69 -4.48
CA SER G 70 0.58 16.98 -3.43
C SER G 70 0.95 15.60 -3.99
N LEU G 71 2.24 15.25 -3.99
CA LEU G 71 2.70 13.99 -4.53
C LEU G 71 3.57 13.24 -3.56
N LYS G 72 3.63 11.92 -3.68
CA LYS G 72 4.51 11.13 -2.84
C LYS G 72 5.00 9.91 -3.61
N PRO G 73 6.28 9.64 -3.58
CA PRO G 73 6.82 8.54 -4.40
C PRO G 73 6.11 7.22 -4.26
N SER G 74 5.84 6.84 -3.01
CA SER G 74 5.25 5.55 -2.70
C SER G 74 3.72 5.53 -2.80
N VAL G 75 3.08 6.64 -3.17
CA VAL G 75 1.64 6.74 -3.09
C VAL G 75 1.01 7.24 -4.37
N GLN G 76 1.58 8.32 -4.86
CA GLN G 76 1.10 9.03 -6.08
C GLN G 76 2.26 9.85 -6.66
N PRO G 77 3.11 9.20 -7.46
CA PRO G 77 4.27 9.86 -8.02
C PRO G 77 3.96 10.78 -9.22
N THR G 78 2.82 10.62 -9.90
CA THR G 78 2.45 11.56 -10.93
C THR G 78 0.99 12.05 -10.68
N VAL G 79 0.76 13.34 -10.88
CA VAL G 79 -0.54 13.91 -10.97
C VAL G 79 -0.74 14.53 -12.36
N SER G 80 -1.79 14.14 -13.06
CA SER G 80 -2.15 14.76 -14.34
C SER G 80 -3.13 15.90 -14.09
N LEU G 81 -2.75 17.11 -14.55
CA LEU G 81 -3.62 18.29 -14.45
C LEU G 81 -4.55 18.49 -15.61
N GLY G 82 -4.41 17.79 -16.76
CA GLY G 82 -5.44 17.80 -17.77
C GLY G 82 -5.53 19.08 -18.57
N GLY G 83 -4.47 19.88 -18.56
CA GLY G 83 -4.47 21.14 -19.29
C GLY G 83 -4.99 22.30 -18.50
N PHE G 84 -4.27 22.61 -17.43
CA PHE G 84 -4.54 23.74 -16.52
C PHE G 84 -3.90 24.94 -17.19
N GLU G 85 -4.75 25.79 -17.77
CA GLU G 85 -4.26 26.94 -18.46
C GLU G 85 -4.04 28.12 -17.48
N ILE G 86 -2.88 28.74 -17.66
CA ILE G 86 -2.48 29.86 -16.79
C ILE G 86 -1.88 30.94 -17.71
N THR G 87 -2.33 32.15 -17.52
CA THR G 87 -1.75 33.34 -18.14
C THR G 87 -0.49 33.89 -17.39
N PRO G 88 0.54 34.28 -18.12
CA PRO G 88 1.71 34.87 -17.47
C PRO G 88 1.45 36.22 -16.91
N PRO G 89 2.22 36.65 -15.94
CA PRO G 89 3.34 35.87 -15.38
C PRO G 89 2.83 34.88 -14.26
N VAL G 90 3.57 33.79 -14.11
CA VAL G 90 3.31 32.85 -12.99
C VAL G 90 4.62 32.23 -12.54
N ILE G 91 4.75 31.97 -11.24
CA ILE G 91 5.90 31.25 -10.70
C ILE G 91 5.42 29.90 -10.24
N LEU G 92 6.14 28.85 -10.59
CA LEU G 92 5.87 27.53 -10.06
C LEU G 92 6.96 27.25 -9.06
N ARG G 93 6.55 26.74 -7.93
CA ARG G 93 7.43 26.58 -6.80
C ARG G 93 7.30 25.24 -6.08
N LEU G 94 8.45 24.68 -5.79
CA LEU G 94 8.51 23.55 -4.85
C LEU G 94 8.42 24.05 -3.42
N LYS G 95 7.23 23.96 -2.88
CA LYS G 95 6.88 24.50 -1.56
C LYS G 95 7.49 23.61 -0.48
N SER G 96 7.44 22.29 -0.65
CA SER G 96 8.00 21.36 0.28
C SER G 96 8.20 20.00 -0.31
N GLY G 97 9.05 19.28 0.37
CA GLY G 97 9.59 18.05 -0.20
C GLY G 97 11.00 18.24 -0.76
N SER G 98 11.80 17.18 -0.78
CA SER G 98 13.17 17.25 -1.30
C SER G 98 13.27 17.61 -2.77
N GLY G 99 12.35 17.05 -3.56
CA GLY G 99 12.46 17.01 -5.02
C GLY G 99 13.54 16.08 -5.51
N PRO G 100 13.84 16.02 -6.80
CA PRO G 100 13.31 16.93 -7.84
C PRO G 100 11.88 16.63 -8.17
N VAL G 101 11.20 17.65 -8.64
CA VAL G 101 9.87 17.53 -9.17
C VAL G 101 9.84 18.14 -10.58
N TYR G 102 9.06 17.55 -11.46
CA TYR G 102 8.96 17.97 -12.84
C TYR G 102 7.58 18.42 -13.15
N VAL G 103 7.49 19.45 -13.93
CA VAL G 103 6.24 19.83 -14.53
C VAL G 103 6.41 19.77 -16.06
N SER G 104 5.40 19.27 -16.72
CA SER G 104 5.31 19.26 -18.16
C SER G 104 4.01 19.91 -18.63
N GLY G 105 4.03 20.35 -19.87
CA GLY G 105 2.91 21.05 -20.40
C GLY G 105 3.19 21.55 -21.80
N GLN G 106 2.35 22.47 -22.18
CA GLN G 106 2.39 23.17 -23.46
C GLN G 106 2.53 24.64 -23.25
N HIS G 107 3.27 25.29 -24.16
CA HIS G 107 3.39 26.70 -24.23
C HIS G 107 2.69 27.05 -25.54
N LEU G 108 1.59 27.76 -25.39
CA LEU G 108 0.64 28.07 -26.48
C LEU G 108 0.77 29.54 -26.87
N VAL G 109 0.78 29.79 -28.18
CA VAL G 109 0.94 31.15 -28.69
C VAL G 109 -0.15 31.43 -29.74
N SER H 5 -10.82 17.99 -39.16
CA SER H 5 -9.96 17.20 -38.19
C SER H 5 -10.15 15.63 -38.04
N GLN H 6 -9.20 14.75 -38.47
CA GLN H 6 -9.35 13.29 -38.32
C GLN H 6 -8.41 12.71 -37.29
N ASN H 7 -8.81 11.63 -36.62
CA ASN H 7 -8.00 10.97 -35.60
C ASN H 7 -7.81 9.50 -35.92
N PHE H 8 -6.59 9.05 -35.71
CA PHE H 8 -6.14 7.68 -35.92
C PHE H 8 -5.44 7.28 -34.67
N LEU H 9 -5.41 6.00 -34.40
CA LEU H 9 -4.66 5.53 -33.25
C LEU H 9 -3.16 5.76 -33.39
N PHE H 10 -2.57 5.93 -32.22
CA PHE H 10 -1.13 6.00 -32.05
C PHE H 10 -0.71 5.24 -30.81
N GLY H 11 0.43 4.58 -30.91
CA GLY H 11 1.04 3.93 -29.77
C GLY H 11 2.51 3.54 -29.99
N CYS H 12 3.25 3.48 -28.90
CA CYS H 12 4.58 2.89 -28.93
C CYS H 12 4.85 2.16 -27.62
N GLU H 13 5.80 1.23 -27.70
CA GLU H 13 6.37 0.48 -26.61
C GLU H 13 7.83 0.96 -26.38
N LEU H 14 8.15 1.20 -25.12
CA LEU H 14 9.53 1.53 -24.69
C LEU H 14 10.03 0.57 -23.63
N LYS H 15 11.27 0.14 -23.73
CA LYS H 15 11.82 -0.84 -22.78
C LYS H 15 13.31 -0.62 -22.72
N ALA H 16 13.94 -1.34 -21.81
CA ALA H 16 15.36 -1.14 -21.49
C ALA H 16 16.18 -1.42 -22.74
N ASP H 17 15.82 -2.43 -23.51
CA ASP H 17 16.51 -2.65 -24.76
C ASP H 17 15.94 -1.91 -26.01
N LYS H 18 15.01 -0.94 -25.84
CA LYS H 18 14.45 -0.16 -26.95
C LYS H 18 13.90 1.09 -26.27
N LYS H 19 14.83 2.00 -25.92
CA LYS H 19 14.47 3.07 -25.01
C LYS H 19 13.72 4.23 -25.65
N GLU H 20 13.84 4.41 -26.98
CA GLU H 20 13.27 5.54 -27.69
C GLU H 20 12.36 5.19 -28.86
N TYR H 21 11.45 6.15 -29.05
CA TYR H 21 10.55 6.17 -30.16
C TYR H 21 10.52 7.56 -30.76
N SER H 22 10.87 7.67 -32.06
CA SER H 22 10.86 8.93 -32.76
C SER H 22 9.61 9.11 -33.62
N PHE H 23 8.77 10.06 -33.25
CA PHE H 23 7.62 10.42 -33.98
C PHE H 23 8.01 11.52 -34.91
N LYS H 24 7.88 11.21 -36.22
CA LYS H 24 8.04 12.17 -37.29
C LYS H 24 6.97 11.94 -38.35
N VAL H 25 6.60 13.01 -39.02
CA VAL H 25 5.67 12.94 -40.15
C VAL H 25 6.36 13.44 -41.44
N ASP H 27 6.13 15.49 -45.12
CA ASP H 27 5.41 16.05 -46.28
C ASP H 27 4.26 16.86 -45.69
N ASP H 28 3.04 16.39 -45.57
CA ASP H 28 2.04 16.21 -46.60
C ASP H 28 1.63 17.63 -46.97
N ASN H 30 -0.65 18.18 -45.10
CA ASN H 30 -1.55 18.21 -43.93
C ASN H 30 -0.74 18.66 -42.68
N GLU H 31 -1.45 19.31 -41.76
CA GLU H 31 -1.03 19.61 -40.38
C GLU H 31 -1.23 18.33 -39.52
N HIS H 32 -0.20 17.96 -38.74
CA HIS H 32 -0.24 16.75 -37.91
C HIS H 32 -0.07 17.13 -36.45
N GLN H 33 -0.74 16.40 -35.58
CA GLN H 33 -0.55 16.61 -34.15
C GLN H 33 -0.68 15.30 -33.41
N LEU H 34 0.15 15.08 -32.40
CA LEU H 34 0.10 13.84 -31.58
C LEU H 34 -0.65 14.29 -30.31
N SER H 35 -1.71 13.58 -29.87
CA SER H 35 -2.37 13.95 -28.64
C SER H 35 -2.20 12.69 -27.79
N LEU H 36 -1.32 12.77 -26.81
CA LEU H 36 -1.08 11.63 -25.91
C LEU H 36 -2.19 11.44 -24.88
N ARG H 37 -2.65 10.19 -24.73
CA ARG H 37 -3.70 9.87 -23.83
C ARG H 37 -3.31 9.15 -22.58
N THR H 38 -2.51 8.09 -22.70
CA THR H 38 -2.14 7.30 -21.50
C THR H 38 -0.69 6.83 -21.63
N VAL H 39 -0.09 6.62 -20.44
CA VAL H 39 1.20 5.96 -20.27
C VAL H 39 0.90 4.83 -19.30
N SER H 40 1.32 3.60 -19.62
CA SER H 40 1.00 2.41 -18.79
C SER H 40 2.10 1.40 -18.78
N LEU H 41 2.24 0.69 -17.70
CA LEU H 41 3.27 -0.32 -17.60
C LEU H 41 2.76 -1.65 -17.98
N GLY H 42 3.62 -2.44 -18.63
CA GLY H 42 3.19 -3.75 -19.05
C GLY H 42 3.33 -4.75 -17.93
N ALA H 43 2.66 -5.87 -18.11
CA ALA H 43 2.59 -6.95 -17.13
C ALA H 43 3.92 -7.38 -16.53
N SER H 44 4.94 -7.37 -17.37
CA SER H 44 6.25 -7.89 -17.08
C SER H 44 7.25 -6.85 -16.57
N ALA H 45 6.81 -5.60 -16.40
CA ALA H 45 7.68 -4.59 -15.85
C ALA H 45 8.05 -4.88 -14.45
N LYS H 46 9.27 -4.51 -14.11
CA LYS H 46 9.80 -4.70 -12.79
C LYS H 46 9.20 -3.72 -11.87
N ASP H 47 9.01 -4.17 -10.66
CA ASP H 47 8.42 -3.24 -9.68
C ASP H 47 9.45 -2.21 -9.26
N GLU H 48 9.56 -1.15 -10.09
CA GLU H 48 10.48 -0.05 -9.90
C GLU H 48 9.87 1.21 -10.50
N LEU H 49 10.42 2.38 -10.18
CA LEU H 49 9.95 3.64 -10.88
C LEU H 49 10.37 3.63 -12.33
N HIS H 50 9.44 4.00 -13.20
CA HIS H 50 9.72 4.15 -14.60
C HIS H 50 9.40 5.63 -14.97
N VAL H 51 10.25 6.27 -15.73
CA VAL H 51 10.10 7.67 -16.05
C VAL H 51 10.16 7.78 -17.57
N VAL H 52 9.13 8.36 -18.15
CA VAL H 52 9.05 8.62 -19.56
C VAL H 52 9.14 10.12 -19.82
N GLU H 53 10.01 10.53 -20.73
CA GLU H 53 10.23 11.85 -21.10
C GLU H 53 10.03 12.08 -22.62
N ALA H 54 9.75 13.30 -22.99
CA ALA H 54 9.48 13.72 -24.34
C ALA H 54 10.54 14.73 -24.63
N GLU H 55 11.03 14.72 -25.86
CA GLU H 55 12.09 15.64 -26.29
C GLU H 55 11.69 16.35 -27.60
N GLY H 56 11.62 17.66 -27.57
CA GLY H 56 11.14 18.41 -28.72
C GLY H 56 11.45 19.86 -28.50
N ILE H 57 10.85 20.70 -29.35
CA ILE H 57 11.16 22.14 -29.39
C ILE H 57 10.28 23.00 -28.46
N ASN H 58 10.93 23.93 -27.75
CA ASN H 58 10.27 24.96 -26.98
C ASN H 58 10.01 26.21 -27.76
N TYR H 59 9.37 27.16 -27.06
CA TYR H 59 8.90 28.37 -27.67
C TYR H 59 10.06 29.17 -28.26
N GLU H 60 11.24 29.02 -27.68
CA GLU H 60 12.43 29.71 -28.20
C GLU H 60 13.08 28.96 -29.40
N GLY H 61 12.79 27.70 -29.58
CA GLY H 61 13.35 26.93 -30.68
C GLY H 61 14.43 25.98 -30.18
N LYS H 62 14.58 25.92 -28.86
CA LYS H 62 15.60 25.12 -28.22
C LYS H 62 15.04 23.74 -27.95
N THR H 63 15.83 22.68 -28.18
CA THR H 63 15.46 21.31 -27.87
C THR H 63 15.50 21.12 -26.33
N ILE H 64 14.34 20.76 -25.76
CA ILE H 64 14.23 20.46 -24.34
C ILE H 64 13.68 19.03 -24.10
N LYS H 65 13.94 18.53 -22.91
CA LYS H 65 13.45 17.26 -22.45
C LYS H 65 12.48 17.58 -21.30
N ILE H 66 11.28 17.03 -21.36
CA ILE H 66 10.24 17.19 -20.30
C ILE H 66 9.80 15.82 -19.80
N ALA H 67 9.62 15.68 -18.49
CA ALA H 67 9.15 14.45 -17.88
C ALA H 67 7.64 14.38 -18.00
N LEU H 68 7.18 13.37 -18.75
CA LEU H 68 5.75 13.14 -18.90
C LEU H 68 5.15 12.41 -17.71
N ALA H 69 5.87 11.45 -17.19
CA ALA H 69 5.26 10.57 -16.17
C ALA H 69 6.28 9.71 -15.46
N SER H 70 6.00 9.45 -14.17
CA SER H 70 6.73 8.53 -13.30
C SER H 70 5.67 7.52 -12.89
N LEU H 71 5.92 6.24 -13.20
CA LEU H 71 5.00 5.18 -12.87
C LEU H 71 5.69 4.02 -12.16
N LYS H 72 4.94 3.25 -11.41
CA LYS H 72 5.51 2.05 -10.74
C LYS H 72 4.39 1.04 -10.58
N PRO H 73 4.66 -0.22 -10.89
CA PRO H 73 3.57 -1.19 -10.99
C PRO H 73 2.79 -1.38 -9.74
N SER H 74 3.42 -1.32 -8.59
CA SER H 74 2.71 -1.52 -7.31
C SER H 74 2.16 -0.25 -6.71
N VAL H 75 2.33 0.89 -7.38
CA VAL H 75 1.86 2.15 -6.86
C VAL H 75 0.94 2.91 -7.79
N GLN H 76 1.34 3.01 -9.06
CA GLN H 76 0.58 3.74 -10.10
C GLN H 76 1.00 3.26 -11.47
N PRO H 77 0.35 2.18 -11.94
CA PRO H 77 0.78 1.59 -13.22
C PRO H 77 0.40 2.35 -14.49
N THR H 78 -0.59 3.23 -14.38
CA THR H 78 -1.10 3.99 -15.56
C THR H 78 -1.28 5.48 -15.14
N VAL H 79 -1.06 6.38 -16.12
CA VAL H 79 -1.41 7.74 -16.00
C VAL H 79 -2.13 8.15 -17.26
N SER H 80 -3.20 8.93 -17.11
CA SER H 80 -3.95 9.47 -18.21
C SER H 80 -3.56 10.91 -18.30
N LEU H 81 -3.02 11.28 -19.47
CA LEU H 81 -2.55 12.60 -19.79
C LEU H 81 -3.71 13.44 -20.31
N GLY H 82 -4.79 12.81 -20.80
CA GLY H 82 -5.96 13.59 -21.15
C GLY H 82 -5.88 14.39 -22.45
N GLY H 83 -4.97 14.03 -23.33
CA GLY H 83 -4.92 14.72 -24.59
C GLY H 83 -3.83 15.77 -24.65
N PHE H 84 -2.61 15.39 -24.35
CA PHE H 84 -1.46 16.29 -24.30
C PHE H 84 -1.08 16.38 -25.76
N GLU H 85 -1.39 17.50 -26.38
CA GLU H 85 -1.10 17.73 -27.77
C GLU H 85 0.37 18.18 -27.95
N ILE H 86 1.03 17.55 -28.92
CA ILE H 86 2.36 17.84 -29.24
C ILE H 86 2.52 17.95 -30.77
N THR H 87 3.29 18.94 -31.15
CA THR H 87 3.75 19.11 -32.56
C THR H 87 4.96 18.31 -32.87
N PRO H 88 4.92 17.55 -33.96
CA PRO H 88 6.08 16.79 -34.38
C PRO H 88 7.17 17.74 -34.85
N PRO H 89 8.44 17.28 -34.85
CA PRO H 89 8.80 15.93 -34.39
C PRO H 89 8.94 15.85 -32.84
N VAL H 90 8.83 14.64 -32.30
CA VAL H 90 9.08 14.47 -30.88
C VAL H 90 9.63 13.09 -30.61
N ILE H 91 10.61 13.02 -29.72
CA ILE H 91 11.07 11.75 -29.23
C ILE H 91 10.44 11.39 -27.88
N LEU H 92 9.91 10.17 -27.77
CA LEU H 92 9.50 9.64 -26.47
C LEU H 92 10.59 8.74 -25.98
N ARG H 93 10.96 8.86 -24.71
CA ARG H 93 12.04 8.09 -24.19
C ARG H 93 11.84 7.55 -22.82
N LEU H 94 12.32 6.35 -22.62
CA LEU H 94 12.34 5.70 -21.32
C LEU H 94 13.62 6.13 -20.62
N LYS H 95 13.51 7.13 -19.75
CA LYS H 95 14.65 7.61 -18.96
C LYS H 95 15.12 6.60 -17.87
N SER H 96 14.20 5.94 -17.18
CA SER H 96 14.52 4.91 -16.20
C SER H 96 13.43 3.91 -16.12
N GLY H 97 13.84 2.72 -15.64
CA GLY H 97 12.98 1.57 -15.54
C GLY H 97 13.14 0.52 -16.64
N SER H 98 12.80 -0.70 -16.31
CA SER H 98 12.95 -1.82 -17.24
C SER H 98 11.98 -1.68 -18.42
N GLY H 99 10.79 -1.15 -18.16
CA GLY H 99 9.70 -1.43 -19.07
C GLY H 99 9.30 -2.89 -19.16
N PRO H 100 8.41 -3.23 -20.06
CA PRO H 100 7.85 -2.35 -21.09
C PRO H 100 6.96 -1.24 -20.51
N VAL H 101 7.00 -0.10 -21.15
CA VAL H 101 6.00 0.98 -20.89
C VAL H 101 5.36 1.28 -22.25
N TYR H 102 4.08 1.64 -22.26
CA TYR H 102 3.34 1.92 -23.46
C TYR H 102 2.86 3.30 -23.38
N VAL H 103 2.91 3.99 -24.51
CA VAL H 103 2.22 5.24 -24.69
C VAL H 103 1.14 5.08 -25.72
N SER H 104 -0.06 5.59 -25.40
CA SER H 104 -1.11 5.59 -26.36
C SER H 104 -1.66 7.00 -26.60
N GLY H 105 -2.28 7.20 -27.77
CA GLY H 105 -2.87 8.46 -28.08
C GLY H 105 -3.46 8.43 -29.48
N GLN H 106 -3.66 9.60 -30.01
CA GLN H 106 -4.19 9.84 -31.31
C GLN H 106 -3.20 10.61 -32.15
N HIS H 107 -3.23 10.29 -33.42
CA HIS H 107 -2.53 11.02 -34.45
C HIS H 107 -3.68 11.76 -35.15
N LEU H 108 -3.70 13.07 -34.98
CA LEU H 108 -4.69 14.04 -35.51
C LEU H 108 -4.13 14.62 -36.82
N VAL H 109 -4.94 14.61 -37.86
CA VAL H 109 -4.56 15.08 -39.21
C VAL H 109 -5.68 15.99 -39.74
N ALA H 110 -5.34 17.22 -40.12
CA ALA H 110 -6.27 18.11 -40.79
C ALA H 110 -5.69 18.72 -42.05
N SER I 5 -23.88 16.93 -32.39
CA SER I 5 -23.77 15.42 -32.31
C SER I 5 -24.46 14.69 -31.09
N GLN I 6 -25.17 13.61 -31.38
CA GLN I 6 -25.87 12.80 -30.39
C GLN I 6 -24.93 11.90 -29.65
N ASN I 7 -25.33 11.57 -28.43
CA ASN I 7 -24.51 10.89 -27.50
C ASN I 7 -25.29 9.69 -26.91
N PHE I 8 -24.74 8.49 -26.98
CA PHE I 8 -25.34 7.31 -26.42
C PHE I 8 -24.32 6.62 -25.52
N LEU I 9 -24.79 5.87 -24.56
CA LEU I 9 -23.93 5.03 -23.70
C LEU I 9 -23.29 3.90 -24.47
N PHE I 10 -21.99 3.66 -24.16
CA PHE I 10 -21.30 2.49 -24.60
C PHE I 10 -20.63 1.77 -23.44
N GLY I 11 -20.68 0.43 -23.46
CA GLY I 11 -19.92 -0.37 -22.51
C GLY I 11 -19.64 -1.79 -22.98
N CYS I 12 -18.58 -2.38 -22.43
CA CYS I 12 -18.36 -3.80 -22.59
C CYS I 12 -17.62 -4.35 -21.42
N GLU I 13 -17.64 -5.67 -21.37
CA GLU I 13 -16.97 -6.44 -20.35
C GLU I 13 -15.96 -7.32 -21.00
N LEU I 14 -14.75 -7.40 -20.45
CA LEU I 14 -13.70 -8.26 -21.05
C LEU I 14 -13.29 -9.22 -19.98
N LYS I 15 -13.11 -10.51 -20.25
CA LYS I 15 -12.68 -11.44 -19.21
C LYS I 15 -11.89 -12.58 -19.81
N ALA I 16 -11.31 -13.42 -18.98
CA ALA I 16 -10.37 -14.43 -19.51
C ALA I 16 -11.05 -15.28 -20.55
N ASP I 17 -12.34 -15.56 -20.39
CA ASP I 17 -13.03 -16.42 -21.36
C ASP I 17 -13.71 -15.66 -22.44
N LYS I 18 -13.50 -14.34 -22.52
CA LYS I 18 -14.22 -13.49 -23.46
C LYS I 18 -13.30 -12.23 -23.51
N LYS I 19 -12.22 -12.36 -24.26
CA LYS I 19 -11.15 -11.38 -24.17
C LYS I 19 -11.35 -10.16 -25.04
N GLU I 20 -12.21 -10.23 -26.05
CA GLU I 20 -12.41 -9.18 -27.05
C GLU I 20 -13.85 -8.69 -27.23
N TYR I 21 -13.94 -7.39 -27.50
CA TYR I 21 -15.15 -6.79 -27.91
C TYR I 21 -14.85 -6.06 -29.20
N SER I 22 -15.60 -6.40 -30.23
CA SER I 22 -15.43 -5.73 -31.48
C SER I 22 -16.46 -4.62 -31.73
N PHE I 23 -16.01 -3.38 -31.80
CA PHE I 23 -16.87 -2.24 -32.04
C PHE I 23 -16.84 -1.92 -33.54
N LYS I 24 -17.99 -2.10 -34.17
CA LYS I 24 -18.13 -1.66 -35.55
C LYS I 24 -19.46 -1.02 -35.76
N VAL I 25 -19.47 -0.15 -36.76
CA VAL I 25 -20.65 0.50 -37.21
C VAL I 25 -20.88 0.32 -38.73
N GLU I 26 -22.04 -0.27 -38.99
CA GLU I 26 -22.76 -0.29 -40.27
C GLU I 26 -22.95 1.10 -40.79
N ASP I 27 -22.80 1.24 -42.12
CA ASP I 27 -22.49 2.47 -42.86
C ASP I 27 -23.46 3.70 -42.74
N ASP I 28 -24.60 3.51 -42.07
CA ASP I 28 -25.46 4.61 -41.49
C ASP I 28 -26.71 4.66 -42.28
N ASN I 30 -24.06 9.54 -39.24
CA ASN I 30 -23.16 9.37 -40.40
C ASN I 30 -21.65 9.30 -40.04
N GLU I 31 -21.11 10.13 -39.16
CA GLU I 31 -19.76 9.93 -38.65
C GLU I 31 -19.96 9.42 -37.23
N HIS I 32 -19.28 8.31 -36.90
CA HIS I 32 -19.32 7.70 -35.56
C HIS I 32 -17.94 7.78 -34.88
N GLN I 33 -17.91 7.93 -33.55
CA GLN I 33 -16.67 7.93 -32.78
C GLN I 33 -17.05 7.28 -31.49
N LEU I 34 -16.18 6.42 -31.01
CA LEU I 34 -16.33 5.81 -29.70
C LEU I 34 -15.40 6.65 -28.86
N SER I 35 -15.97 7.35 -27.87
CA SER I 35 -15.24 8.07 -26.88
C SER I 35 -15.06 7.36 -25.52
N LEU I 36 -13.88 6.84 -25.27
CA LEU I 36 -13.68 5.98 -24.11
C LEU I 36 -13.54 6.84 -22.88
N ARG I 37 -14.30 6.51 -21.83
CA ARG I 37 -14.24 7.23 -20.63
C ARG I 37 -13.58 6.58 -19.45
N THR I 38 -13.94 5.34 -19.10
CA THR I 38 -13.25 4.64 -17.97
C THR I 38 -12.99 3.20 -18.28
N VAL I 39 -11.99 2.64 -17.57
CA VAL I 39 -11.72 1.23 -17.62
C VAL I 39 -11.69 0.85 -16.15
N SER I 40 -12.40 -0.20 -15.73
CA SER I 40 -12.48 -0.49 -14.31
C SER I 40 -12.54 -2.01 -14.02
N LEU I 41 -12.07 -2.40 -12.84
CA LEU I 41 -12.05 -3.84 -12.48
C LEU I 41 -13.25 -4.27 -11.74
N GLY I 42 -13.85 -5.41 -12.12
CA GLY I 42 -15.06 -5.90 -11.45
C GLY I 42 -14.69 -6.53 -10.13
N ALA I 43 -15.72 -6.69 -9.26
CA ALA I 43 -15.49 -7.07 -7.86
C ALA I 43 -14.75 -8.47 -7.72
N SER I 44 -14.92 -9.35 -8.71
CA SER I 44 -14.29 -10.67 -8.70
C SER I 44 -12.87 -10.76 -9.25
N ALA I 45 -12.38 -9.67 -9.88
CA ALA I 45 -11.08 -9.77 -10.52
C ALA I 45 -9.91 -10.08 -9.58
N LYS I 46 -9.02 -10.94 -10.02
CA LYS I 46 -7.94 -11.41 -9.23
C LYS I 46 -6.90 -10.29 -9.04
N ASP I 47 -6.21 -10.29 -7.89
CA ASP I 47 -5.18 -9.29 -7.65
C ASP I 47 -3.88 -9.43 -8.45
N GLU I 48 -3.93 -8.99 -9.72
CA GLU I 48 -2.81 -9.05 -10.63
C GLU I 48 -2.99 -7.88 -11.62
N LEU I 49 -2.01 -7.64 -12.47
CA LEU I 49 -2.12 -6.55 -13.46
C LEU I 49 -3.06 -7.02 -14.56
N HIS I 50 -3.97 -6.14 -14.92
CA HIS I 50 -4.85 -6.36 -16.04
C HIS I 50 -4.47 -5.28 -17.07
N VAL I 51 -4.32 -5.63 -18.34
CA VAL I 51 -3.99 -4.68 -19.42
C VAL I 51 -5.06 -4.77 -20.52
N VAL I 52 -5.65 -3.61 -20.83
CA VAL I 52 -6.58 -3.48 -21.92
C VAL I 52 -5.92 -2.75 -23.05
N GLU I 53 -6.03 -3.33 -24.25
CA GLU I 53 -5.54 -2.77 -25.52
C GLU I 53 -6.62 -2.54 -26.55
N ALA I 54 -6.33 -1.61 -27.44
CA ALA I 54 -7.23 -1.28 -28.54
C ALA I 54 -6.46 -1.64 -29.82
N GLU I 55 -7.17 -2.26 -30.74
CA GLU I 55 -6.62 -2.54 -32.05
C GLU I 55 -7.46 -1.87 -33.14
N GLY I 56 -6.77 -1.07 -33.93
CA GLY I 56 -7.37 -0.19 -34.94
C GLY I 56 -6.37 0.42 -35.89
N ILE I 57 -6.91 1.30 -36.77
CA ILE I 57 -6.19 1.95 -37.85
C ILE I 57 -5.27 3.05 -37.37
N ASN I 58 -3.98 3.01 -37.77
CA ASN I 58 -3.15 4.22 -37.77
C ASN I 58 -3.35 5.14 -39.01
N TYR I 59 -2.64 6.25 -39.10
CA TYR I 59 -2.99 7.20 -40.17
C TYR I 59 -2.50 6.70 -41.56
N GLU I 60 -1.75 5.65 -41.56
CA GLU I 60 -1.30 5.04 -42.85
C GLU I 60 -2.24 3.90 -43.23
N GLY I 61 -3.33 3.79 -42.50
CA GLY I 61 -4.28 2.73 -42.75
C GLY I 61 -3.94 1.33 -42.33
N LYS I 62 -2.96 1.15 -41.46
CA LYS I 62 -2.50 -0.13 -41.01
C LYS I 62 -2.95 -0.36 -39.60
N THR I 63 -3.31 -1.59 -39.33
CA THR I 63 -3.74 -1.96 -37.98
C THR I 63 -2.57 -2.01 -37.05
N ILE I 64 -2.72 -1.30 -35.90
CA ILE I 64 -1.85 -1.37 -34.75
C ILE I 64 -2.65 -1.73 -33.50
N LYS I 65 -1.88 -2.12 -32.47
CA LYS I 65 -2.32 -2.45 -31.16
C LYS I 65 -1.70 -1.52 -30.15
N ILE I 66 -2.50 -0.88 -29.30
CA ILE I 66 -1.94 0.15 -28.40
C ILE I 66 -2.50 -0.21 -27.02
N ALA I 67 -1.70 -0.13 -25.96
CA ALA I 67 -2.18 -0.43 -24.58
C ALA I 67 -2.84 0.84 -24.08
N LEU I 68 -4.06 0.74 -23.56
CA LEU I 68 -4.86 1.83 -23.12
C LEU I 68 -4.62 1.97 -21.63
N ALA I 69 -4.63 0.86 -20.91
CA ALA I 69 -4.52 0.95 -19.45
C ALA I 69 -4.05 -0.31 -18.80
N SER I 70 -3.41 -0.18 -17.64
CA SER I 70 -2.98 -1.28 -16.79
C SER I 70 -3.59 -1.06 -15.44
N LEU I 71 -4.37 -2.00 -14.93
CA LEU I 71 -5.09 -1.80 -13.67
C LEU I 71 -4.80 -2.97 -12.74
N LYS I 72 -4.86 -2.72 -11.47
CA LYS I 72 -4.72 -3.75 -10.45
C LYS I 72 -5.67 -3.50 -9.27
N PRO I 73 -6.40 -4.49 -8.80
CA PRO I 73 -7.40 -4.17 -7.78
C PRO I 73 -6.85 -3.58 -6.49
N SER I 74 -5.62 -3.91 -6.10
CA SER I 74 -5.20 -3.41 -4.83
C SER I 74 -4.35 -2.18 -4.97
N VAL I 75 -4.25 -1.66 -6.19
CA VAL I 75 -3.37 -0.52 -6.48
C VAL I 75 -4.14 0.59 -7.17
N GLN I 76 -4.87 0.24 -8.23
CA GLN I 76 -5.51 1.18 -9.17
C GLN I 76 -6.59 0.41 -9.94
N PRO I 77 -7.74 0.26 -9.28
CA PRO I 77 -8.87 -0.47 -9.90
C PRO I 77 -9.60 0.28 -11.04
N THR I 78 -9.50 1.58 -11.16
CA THR I 78 -10.19 2.39 -12.20
C THR I 78 -9.22 3.43 -12.80
N VAL I 79 -9.25 3.57 -14.14
CA VAL I 79 -8.56 4.61 -14.83
C VAL I 79 -9.59 5.38 -15.66
N SER I 80 -9.70 6.69 -15.47
CA SER I 80 -10.46 7.52 -16.37
C SER I 80 -9.56 7.91 -17.55
N LEU I 81 -10.05 7.65 -18.77
CA LEU I 81 -9.46 8.06 -20.02
C LEU I 81 -9.78 9.43 -20.52
N GLY I 82 -10.79 10.06 -19.96
CA GLY I 82 -11.05 11.42 -20.35
C GLY I 82 -11.65 11.73 -21.71
N GLY I 83 -12.17 10.74 -22.42
CA GLY I 83 -12.76 10.97 -23.73
C GLY I 83 -11.68 10.72 -24.78
N PHE I 84 -11.15 9.50 -24.77
CA PHE I 84 -10.25 8.99 -25.79
C PHE I 84 -11.13 8.58 -26.97
N GLU I 85 -11.24 9.45 -27.95
CA GLU I 85 -12.02 9.21 -29.19
C GLU I 85 -11.30 8.29 -30.15
N ILE I 86 -12.06 7.37 -30.71
CA ILE I 86 -11.51 6.37 -31.67
C ILE I 86 -12.51 6.20 -32.73
N THR I 87 -12.03 6.18 -33.96
CA THR I 87 -12.87 5.91 -35.13
C THR I 87 -13.01 4.40 -35.30
N PRO I 88 -14.24 3.89 -35.43
CA PRO I 88 -14.45 2.48 -35.76
C PRO I 88 -13.90 2.13 -37.13
N PRO I 89 -13.63 0.87 -37.39
CA PRO I 89 -13.83 -0.23 -36.42
C PRO I 89 -12.70 -0.20 -35.37
N VAL I 90 -12.94 -0.70 -34.19
CA VAL I 90 -11.89 -0.93 -33.21
C VAL I 90 -12.18 -2.12 -32.38
N ILE I 91 -11.17 -2.92 -32.07
CA ILE I 91 -11.32 -4.04 -31.12
C ILE I 91 -10.73 -3.66 -29.75
N LEU I 92 -11.43 -3.96 -28.67
CA LEU I 92 -10.90 -3.77 -27.35
C LEU I 92 -10.61 -5.18 -26.84
N ARG I 93 -9.44 -5.35 -26.23
CA ARG I 93 -8.97 -6.68 -25.79
C ARG I 93 -8.33 -6.69 -24.46
N LEU I 94 -8.60 -7.70 -23.67
CA LEU I 94 -7.85 -7.90 -22.46
C LEU I 94 -6.54 -8.66 -22.78
N LYS I 95 -5.44 -7.90 -22.85
CA LYS I 95 -4.09 -8.38 -23.28
C LYS I 95 -3.47 -9.22 -22.13
N SER I 96 -3.76 -8.89 -20.88
CA SER I 96 -3.50 -9.84 -19.80
C SER I 96 -4.28 -9.62 -18.57
N GLY I 97 -4.17 -10.59 -17.67
CA GLY I 97 -5.06 -10.75 -16.56
C GLY I 97 -6.38 -11.42 -16.84
N SER I 98 -7.05 -11.69 -15.72
CA SER I 98 -8.29 -12.50 -15.54
C SER I 98 -9.55 -11.75 -15.88
N GLY I 99 -9.56 -10.44 -15.60
CA GLY I 99 -10.83 -9.73 -15.52
C GLY I 99 -11.76 -10.24 -14.42
N PRO I 100 -13.07 -9.83 -14.45
CA PRO I 100 -13.61 -8.93 -15.47
C PRO I 100 -13.08 -7.53 -15.39
N VAL I 101 -12.94 -6.94 -16.56
CA VAL I 101 -12.60 -5.53 -16.76
C VAL I 101 -13.76 -4.94 -17.57
N TYR I 102 -14.15 -3.70 -17.30
CA TYR I 102 -15.24 -3.07 -17.97
C TYR I 102 -14.70 -1.84 -18.59
N VAL I 103 -15.23 -1.50 -19.74
CA VAL I 103 -14.89 -0.24 -20.36
C VAL I 103 -16.21 0.49 -20.50
N SER I 104 -16.24 1.81 -20.20
CA SER I 104 -17.37 2.65 -20.46
C SER I 104 -17.02 3.78 -21.36
N GLY I 105 -18.03 4.29 -22.03
CA GLY I 105 -17.91 5.57 -22.68
C GLY I 105 -19.15 5.96 -23.48
N GLN I 106 -18.94 6.78 -24.48
CA GLN I 106 -19.98 7.30 -25.35
C GLN I 106 -19.78 6.81 -26.73
N HIS I 107 -20.89 6.59 -27.42
CA HIS I 107 -20.94 6.47 -28.85
C HIS I 107 -21.56 7.74 -29.38
N LEU I 108 -20.76 8.50 -30.11
CA LEU I 108 -21.07 9.79 -30.64
C LEU I 108 -21.45 9.63 -32.10
N VAL I 109 -22.50 10.33 -32.51
CA VAL I 109 -23.00 10.15 -33.88
C VAL I 109 -23.23 11.52 -34.41
N ALA I 110 -22.71 11.85 -35.57
CA ALA I 110 -23.00 13.20 -36.12
C ALA I 110 -23.48 13.10 -37.55
N SER J 5 -24.28 26.90 -23.38
CA SER J 5 -25.28 26.14 -22.50
C SER J 5 -25.25 26.53 -21.02
N GLN J 6 -26.42 26.57 -20.34
CA GLN J 6 -26.54 26.76 -18.88
C GLN J 6 -25.88 25.61 -18.07
N ASN J 7 -25.38 25.94 -16.89
CA ASN J 7 -24.68 24.95 -16.03
C ASN J 7 -25.08 24.96 -14.56
N PHE J 8 -25.74 23.92 -14.03
CA PHE J 8 -26.11 23.80 -12.65
C PHE J 8 -25.41 22.66 -11.93
N LEU J 9 -25.15 22.79 -10.65
CA LEU J 9 -24.64 21.66 -9.88
C LEU J 9 -25.56 20.48 -9.84
N PHE J 10 -24.96 19.31 -9.92
CA PHE J 10 -25.62 18.07 -9.72
C PHE J 10 -24.91 17.13 -8.73
N GLY J 11 -25.68 16.47 -7.85
CA GLY J 11 -25.09 15.38 -7.05
C GLY J 11 -26.13 14.38 -6.58
N CYS J 12 -25.71 13.17 -6.30
CA CYS J 12 -26.52 12.22 -5.63
C CYS J 12 -25.69 11.36 -4.72
N GLU J 13 -26.38 10.75 -3.78
CA GLU J 13 -25.76 9.83 -2.88
C GLU J 13 -26.40 8.47 -3.14
N LEU J 14 -25.59 7.43 -3.19
CA LEU J 14 -26.03 6.04 -3.34
C LEU J 14 -25.53 5.20 -2.15
N LYS J 15 -26.34 4.31 -1.63
CA LYS J 15 -25.84 3.39 -0.58
C LYS J 15 -26.84 2.24 -0.41
N ALA J 16 -26.64 1.29 0.48
CA ALA J 16 -27.67 0.23 0.69
C ALA J 16 -29.17 0.65 0.93
N ASP J 17 -29.50 1.60 1.81
CA ASP J 17 -30.84 2.21 1.94
C ASP J 17 -31.46 2.53 0.55
N LYS J 18 -30.70 3.26 -0.32
CA LYS J 18 -31.16 3.87 -1.58
C LYS J 18 -30.00 3.67 -2.60
N LYS J 19 -30.02 2.56 -3.34
CA LYS J 19 -28.94 2.20 -4.27
C LYS J 19 -28.98 2.87 -5.63
N GLU J 20 -30.12 3.47 -5.96
CA GLU J 20 -30.37 4.16 -7.20
C GLU J 20 -30.76 5.62 -7.14
N TYR J 21 -30.41 6.29 -8.22
CA TYR J 21 -30.77 7.65 -8.47
C TYR J 21 -31.17 7.75 -9.94
N SER J 22 -32.38 8.21 -10.20
CA SER J 22 -32.89 8.25 -11.52
C SER J 22 -32.92 9.70 -11.94
N PHE J 23 -32.18 9.96 -13.00
CA PHE J 23 -32.05 11.25 -13.63
C PHE J 23 -32.96 11.25 -14.83
N LYS J 24 -34.02 12.06 -14.72
CA LYS J 24 -35.06 12.27 -15.75
C LYS J 24 -35.32 13.76 -15.84
N VAL J 25 -35.49 14.21 -17.08
CA VAL J 25 -35.97 15.57 -17.44
C VAL J 25 -37.33 15.58 -18.20
N GLU J 26 -38.15 16.63 -18.07
CA GLU J 26 -39.27 16.86 -19.06
C GLU J 26 -38.89 17.88 -20.15
N GLU J 29 -39.04 20.96 -21.26
CA GLU J 29 -38.31 21.25 -22.51
C GLU J 29 -36.81 21.67 -22.33
N ASN J 30 -36.17 21.82 -23.51
CA ASN J 30 -34.77 22.25 -23.86
C ASN J 30 -33.82 21.12 -24.32
N GLU J 31 -32.49 21.20 -24.23
CA GLU J 31 -31.68 20.02 -24.57
C GLU J 31 -30.75 19.86 -23.37
N HIS J 32 -30.85 18.69 -22.72
CA HIS J 32 -30.30 18.42 -21.38
C HIS J 32 -29.22 17.32 -21.46
N GLN J 33 -28.14 17.54 -20.71
CA GLN J 33 -27.07 16.60 -20.55
C GLN J 33 -26.65 16.52 -19.11
N LEU J 34 -26.33 15.34 -18.66
CA LEU J 34 -25.80 15.17 -17.34
C LEU J 34 -24.33 14.93 -17.54
N SER J 35 -23.46 15.79 -17.00
CA SER J 35 -22.01 15.63 -17.22
C SER J 35 -21.37 15.22 -15.89
N LEU J 36 -20.98 13.95 -15.79
CA LEU J 36 -20.51 13.45 -14.53
C LEU J 36 -19.04 13.80 -14.31
N ARG J 37 -18.77 14.30 -13.11
CA ARG J 37 -17.46 14.80 -12.79
C ARG J 37 -16.65 13.93 -11.88
N THR J 38 -17.19 13.61 -10.69
CA THR J 38 -16.50 12.67 -9.80
C THR J 38 -17.39 11.68 -9.16
N VAL J 39 -16.77 10.58 -8.73
CA VAL J 39 -17.42 9.53 -7.91
C VAL J 39 -16.49 9.36 -6.71
N SER J 40 -17.01 9.44 -5.49
CA SER J 40 -16.16 9.34 -4.29
C SER J 40 -16.85 8.47 -3.20
N LEU J 41 -16.05 7.91 -2.34
CA LEU J 41 -16.55 7.15 -1.17
C LEU J 41 -16.64 8.08 0.04
N GLY J 42 -17.75 7.94 0.76
CA GLY J 42 -17.94 8.77 1.96
C GLY J 42 -17.23 8.18 3.11
N ALA J 43 -17.18 8.98 4.19
CA ALA J 43 -16.27 8.74 5.31
C ALA J 43 -16.62 7.45 5.99
N SER J 44 -17.91 7.13 5.95
CA SER J 44 -18.38 5.92 6.63
C SER J 44 -18.35 4.64 5.78
N ALA J 45 -17.84 4.63 4.53
CA ALA J 45 -17.88 3.42 3.69
C ALA J 45 -16.93 2.32 4.09
N LYS J 46 -17.43 1.10 4.03
CA LYS J 46 -16.61 -0.09 4.28
C LYS J 46 -15.45 -0.26 3.38
N ASP J 47 -14.42 -0.94 3.88
CA ASP J 47 -13.19 -1.12 3.11
C ASP J 47 -13.25 -2.30 2.23
N GLU J 48 -13.91 -2.13 1.08
CA GLU J 48 -14.30 -3.19 0.16
C GLU J 48 -14.57 -2.46 -1.17
N LEU J 49 -14.45 -3.14 -2.31
CA LEU J 49 -14.78 -2.59 -3.61
C LEU J 49 -16.22 -2.14 -3.73
N HIS J 50 -16.35 -0.92 -4.27
CA HIS J 50 -17.62 -0.29 -4.50
C HIS J 50 -17.73 -0.10 -6.00
N VAL J 51 -18.85 -0.47 -6.61
CA VAL J 51 -18.96 -0.38 -8.09
C VAL J 51 -20.20 0.45 -8.42
N VAL J 52 -20.01 1.46 -9.26
CA VAL J 52 -21.08 2.35 -9.67
C VAL J 52 -21.28 2.11 -11.15
N GLU J 53 -22.53 1.81 -11.52
CA GLU J 53 -22.97 1.61 -12.89
C GLU J 53 -24.03 2.61 -13.32
N ALA J 54 -24.10 2.89 -14.64
CA ALA J 54 -25.12 3.74 -15.23
C ALA J 54 -25.98 2.86 -16.11
N GLU J 55 -27.27 3.15 -16.16
CA GLU J 55 -28.13 2.34 -16.99
C GLU J 55 -28.90 3.30 -17.89
N GLY J 56 -28.83 3.08 -19.20
CA GLY J 56 -29.30 4.06 -20.16
C GLY J 56 -29.25 3.48 -21.59
N ILE J 57 -29.65 4.29 -22.56
CA ILE J 57 -29.78 3.85 -23.93
C ILE J 57 -28.48 3.80 -24.73
N ASN J 58 -28.34 2.75 -25.54
CA ASN J 58 -27.21 2.63 -26.44
C ASN J 58 -27.68 3.17 -27.82
N TYR J 59 -26.83 3.15 -28.82
CA TYR J 59 -27.19 3.79 -30.10
C TYR J 59 -28.20 3.06 -30.89
N GLU J 60 -28.48 1.84 -30.47
CA GLU J 60 -29.53 1.03 -31.07
C GLU J 60 -30.85 1.23 -30.37
N GLY J 61 -30.89 2.18 -29.42
CA GLY J 61 -32.07 2.36 -28.61
C GLY J 61 -32.37 1.36 -27.54
N LYS J 62 -31.42 0.49 -27.22
CA LYS J 62 -31.55 -0.53 -26.24
C LYS J 62 -30.90 -0.17 -24.93
N THR J 63 -31.60 -0.51 -23.85
CA THR J 63 -31.06 -0.10 -22.52
C THR J 63 -29.92 -1.05 -22.10
N ILE J 64 -28.75 -0.43 -21.79
CA ILE J 64 -27.60 -1.13 -21.33
C ILE J 64 -27.15 -0.64 -19.98
N LYS J 65 -26.38 -1.52 -19.33
CA LYS J 65 -25.78 -1.26 -18.04
C LYS J 65 -24.28 -1.17 -18.22
N ILE J 66 -23.64 -0.07 -17.81
CA ILE J 66 -22.16 0.12 -18.00
C ILE J 66 -21.54 0.45 -16.67
N ALA J 67 -20.33 -0.03 -16.42
CA ALA J 67 -19.72 0.17 -15.11
C ALA J 67 -18.95 1.46 -15.26
N LEU J 68 -19.18 2.43 -14.37
CA LEU J 68 -18.51 3.74 -14.43
C LEU J 68 -17.24 3.73 -13.60
N ALA J 69 -17.25 3.08 -12.45
CA ALA J 69 -16.10 3.16 -11.52
C ALA J 69 -16.13 2.11 -10.48
N SER J 70 -14.94 1.66 -10.15
CA SER J 70 -14.66 0.77 -9.04
C SER J 70 -13.75 1.49 -8.09
N LEU J 71 -14.20 1.65 -6.85
CA LEU J 71 -13.47 2.40 -5.86
C LEU J 71 -13.30 1.59 -4.60
N LYS J 72 -12.31 1.92 -3.79
CA LYS J 72 -12.07 1.22 -2.50
C LYS J 72 -11.37 2.25 -1.57
N PRO J 73 -11.79 2.39 -0.32
CA PRO J 73 -11.29 3.50 0.48
C PRO J 73 -9.82 3.42 0.73
N SER J 74 -9.24 2.26 0.94
CA SER J 74 -7.81 2.14 1.10
C SER J 74 -6.89 2.09 -0.14
N VAL J 75 -7.47 2.17 -1.33
CA VAL J 75 -6.76 2.05 -2.60
C VAL J 75 -7.06 3.28 -3.46
N GLN J 76 -8.32 3.59 -3.59
CA GLN J 76 -8.78 4.62 -4.60
C GLN J 76 -10.15 5.14 -4.21
N PRO J 77 -10.19 6.09 -3.28
CA PRO J 77 -11.46 6.58 -2.77
C PRO J 77 -12.23 7.45 -3.73
N THR J 78 -11.55 8.09 -4.66
CA THR J 78 -12.20 8.99 -5.65
C THR J 78 -11.72 8.72 -7.05
N VAL J 79 -12.62 8.83 -8.05
CA VAL J 79 -12.24 8.86 -9.44
C VAL J 79 -12.87 10.07 -10.07
N SER J 80 -12.09 10.90 -10.83
CA SER J 80 -12.64 11.99 -11.65
C SER J 80 -12.91 11.48 -13.00
N LEU J 81 -14.20 11.59 -13.44
CA LEU J 81 -14.58 11.24 -14.78
C LEU J 81 -14.36 12.27 -15.86
N GLY J 82 -14.11 13.50 -15.47
CA GLY J 82 -13.70 14.50 -16.40
C GLY J 82 -14.81 14.96 -17.34
N GLY J 83 -16.06 14.87 -16.93
CA GLY J 83 -17.18 15.35 -17.77
C GLY J 83 -17.63 14.26 -18.75
N PHE J 84 -18.07 13.16 -18.21
CA PHE J 84 -18.73 12.11 -18.94
C PHE J 84 -20.19 12.50 -19.13
N GLU J 85 -20.49 13.01 -20.28
CA GLU J 85 -21.86 13.49 -20.64
C GLU J 85 -22.74 12.27 -20.91
N ILE J 86 -23.95 12.26 -20.33
CA ILE J 86 -24.95 11.27 -20.62
C ILE J 86 -26.30 12.00 -20.91
N THR J 87 -26.98 11.48 -21.92
CA THR J 87 -28.27 11.96 -22.36
C THR J 87 -29.32 11.31 -21.44
N PRO J 88 -30.24 12.08 -20.85
CA PRO J 88 -31.28 11.47 -20.04
C PRO J 88 -32.27 10.66 -20.87
N PRO J 89 -32.92 9.65 -20.30
CA PRO J 89 -32.83 9.33 -18.87
C PRO J 89 -31.67 8.39 -18.59
N VAL J 90 -31.17 8.43 -17.36
CA VAL J 90 -30.17 7.48 -16.94
C VAL J 90 -30.37 7.15 -15.48
N ILE J 91 -30.15 5.93 -15.08
CA ILE J 91 -30.09 5.60 -13.66
C ILE J 91 -28.67 5.38 -13.25
N LEU J 92 -28.28 5.93 -12.08
CA LEU J 92 -26.99 5.59 -11.51
C LEU J 92 -27.25 4.62 -10.37
N ARG J 93 -26.40 3.64 -10.22
CA ARG J 93 -26.63 2.61 -9.24
C ARG J 93 -25.37 2.05 -8.62
N LEU J 94 -25.49 1.86 -7.31
CA LEU J 94 -24.46 1.26 -6.54
C LEU J 94 -24.62 -0.22 -6.77
N LYS J 95 -23.85 -0.78 -7.66
CA LYS J 95 -24.07 -2.20 -7.98
C LYS J 95 -23.58 -2.98 -6.77
N SER J 96 -22.38 -2.68 -6.27
CA SER J 96 -21.90 -3.39 -5.11
C SER J 96 -21.13 -2.54 -4.15
N GLY J 97 -21.04 -3.03 -2.93
CA GLY J 97 -20.60 -2.27 -1.80
C GLY J 97 -21.57 -1.46 -0.97
N SER J 98 -21.07 -1.13 0.21
CA SER J 98 -21.88 -0.48 1.25
C SER J 98 -22.35 0.91 0.86
N GLY J 99 -21.41 1.72 0.36
CA GLY J 99 -21.50 3.17 0.42
C GLY J 99 -21.53 3.81 1.77
N PRO J 100 -21.85 5.09 1.91
CA PRO J 100 -22.30 5.93 0.80
C PRO J 100 -21.24 6.17 -0.29
N VAL J 101 -21.79 6.27 -1.49
CA VAL J 101 -20.97 6.62 -2.65
C VAL J 101 -21.64 7.88 -3.18
N TYR J 102 -20.82 8.88 -3.56
CA TYR J 102 -21.31 10.15 -4.03
C TYR J 102 -20.89 10.37 -5.49
N VAL J 103 -21.80 10.97 -6.21
CA VAL J 103 -21.58 11.26 -7.61
C VAL J 103 -21.82 12.73 -7.74
N SER J 104 -20.87 13.41 -8.36
CA SER J 104 -20.92 14.88 -8.58
C SER J 104 -20.83 15.17 -10.05
N GLY J 105 -21.50 16.26 -10.44
CA GLY J 105 -21.49 16.73 -11.79
C GLY J 105 -22.18 18.01 -12.09
N GLN J 106 -22.47 18.18 -13.35
CA GLN J 106 -23.21 19.31 -13.88
C GLN J 106 -24.43 18.85 -14.54
N HIS J 107 -25.56 19.56 -14.36
CA HIS J 107 -26.71 19.41 -15.23
C HIS J 107 -26.63 20.59 -16.20
N LEU J 108 -26.53 20.28 -17.48
CA LEU J 108 -26.33 21.24 -18.56
C LEU J 108 -27.61 21.35 -19.37
N VAL J 109 -27.93 22.56 -19.83
CA VAL J 109 -29.20 22.85 -20.50
C VAL J 109 -28.85 23.85 -21.62
N ALA J 110 -29.16 23.54 -22.87
CA ALA J 110 -29.13 24.57 -23.93
C ALA J 110 -30.50 24.74 -24.62
#